data_1N5C
# 
_entry.id   1N5C 
# 
_audit_conform.dict_name       mmcif_pdbx.dic 
_audit_conform.dict_version    5.389 
_audit_conform.dict_location   http://mmcif.pdb.org/dictionaries/ascii/mmcif_pdbx.dic 
# 
loop_
_database_2.database_id 
_database_2.database_code 
_database_2.pdbx_database_accession 
_database_2.pdbx_DOI 
PDB   1N5C         pdb_00001n5c 10.2210/pdb1n5c/pdb 
NDB   BD0061       ?            ?                   
RCSB  RCSB017537   ?            ?                   
WWPDB D_1000017537 ?            ?                   
# 
loop_
_pdbx_audit_revision_history.ordinal 
_pdbx_audit_revision_history.data_content_type 
_pdbx_audit_revision_history.major_revision 
_pdbx_audit_revision_history.minor_revision 
_pdbx_audit_revision_history.revision_date 
1 'Structure model' 1 0 2003-06-03 
2 'Structure model' 1 1 2008-04-28 
3 'Structure model' 1 2 2011-07-13 
4 'Structure model' 1 3 2012-01-18 
5 'Structure model' 1 4 2024-02-14 
6 'Structure model' 1 5 2024-04-03 
# 
_pdbx_audit_revision_details.ordinal             1 
_pdbx_audit_revision_details.revision_ordinal    1 
_pdbx_audit_revision_details.data_content_type   'Structure model' 
_pdbx_audit_revision_details.provider            repository 
_pdbx_audit_revision_details.type                'Initial release' 
_pdbx_audit_revision_details.description         ? 
_pdbx_audit_revision_details.details             ? 
# 
loop_
_pdbx_audit_revision_group.ordinal 
_pdbx_audit_revision_group.revision_ordinal 
_pdbx_audit_revision_group.data_content_type 
_pdbx_audit_revision_group.group 
1 2 'Structure model' 'Version format compliance' 
2 3 'Structure model' 'Version format compliance' 
3 4 'Structure model' 'Atomic model'              
4 5 'Structure model' 'Data collection'           
5 5 'Structure model' 'Database references'       
6 5 'Structure model' 'Derived calculations'      
7 6 'Structure model' 'Refinement description'    
# 
loop_
_pdbx_audit_revision_category.ordinal 
_pdbx_audit_revision_category.revision_ordinal 
_pdbx_audit_revision_category.data_content_type 
_pdbx_audit_revision_category.category 
1 5 'Structure model' chem_comp_atom                
2 5 'Structure model' chem_comp_bond                
3 5 'Structure model' database_2                    
4 5 'Structure model' struct_conn                   
5 5 'Structure model' struct_site                   
6 6 'Structure model' pdbx_initial_refinement_model 
# 
loop_
_pdbx_audit_revision_item.ordinal 
_pdbx_audit_revision_item.revision_ordinal 
_pdbx_audit_revision_item.data_content_type 
_pdbx_audit_revision_item.item 
1  5 'Structure model' '_database_2.pdbx_DOI'                
2  5 'Structure model' '_database_2.pdbx_database_accession' 
3  5 'Structure model' '_struct_conn.pdbx_leaving_atom_flag' 
4  5 'Structure model' '_struct_conn.ptnr1_auth_comp_id'     
5  5 'Structure model' '_struct_conn.ptnr1_auth_seq_id'      
6  5 'Structure model' '_struct_conn.ptnr1_label_asym_id'    
7  5 'Structure model' '_struct_conn.ptnr1_label_atom_id'    
8  5 'Structure model' '_struct_conn.ptnr1_label_comp_id'    
9  5 'Structure model' '_struct_conn.ptnr1_label_seq_id'     
10 5 'Structure model' '_struct_conn.ptnr1_symmetry'         
11 5 'Structure model' '_struct_conn.ptnr2_auth_comp_id'     
12 5 'Structure model' '_struct_conn.ptnr2_auth_seq_id'      
13 5 'Structure model' '_struct_conn.ptnr2_label_asym_id'    
14 5 'Structure model' '_struct_conn.ptnr2_label_atom_id'    
15 5 'Structure model' '_struct_conn.ptnr2_label_comp_id'    
16 5 'Structure model' '_struct_conn.ptnr2_label_seq_id'     
17 5 'Structure model' '_struct_conn.ptnr2_symmetry'         
18 5 'Structure model' '_struct_site.pdbx_auth_asym_id'      
19 5 'Structure model' '_struct_site.pdbx_auth_comp_id'      
20 5 'Structure model' '_struct_site.pdbx_auth_seq_id'       
# 
_pdbx_database_status.status_code                     REL 
_pdbx_database_status.entry_id                        1N5C 
_pdbx_database_status.recvd_initial_deposition_date   2002-11-05 
_pdbx_database_status.deposit_site                    RCSB 
_pdbx_database_status.process_site                    RCSB 
_pdbx_database_status.status_code_sf                  REL 
_pdbx_database_status.SG_entry                        . 
_pdbx_database_status.status_code_mr                  ? 
_pdbx_database_status.status_code_cs                  ? 
_pdbx_database_status.methods_development_category    ? 
_pdbx_database_status.pdb_format_compatible           Y 
_pdbx_database_status.status_code_nmr_data            ? 
# 
loop_
_audit_author.name 
_audit_author.pdbx_ordinal 
'Freisinger, E.' 1 
'Fernandes, A.'  2 
'Grollman, A.P.' 3 
'Kisker, C.F.'   4 
# 
_citation.id                        primary 
_citation.title                     
;Crystallographic Characterization of an Exocyclic DNA Adduct: 3,N4-etheno-2'-deoxycytidine in the Dodecamer 5'-CGCGAATT(ethenoC)GCG-3'
;
_citation.journal_abbrev            J.Mol.Biol. 
_citation.journal_volume            329 
_citation.page_first                685 
_citation.page_last                 697 
_citation.year                      2003 
_citation.journal_id_ASTM           JMOBAK 
_citation.country                   UK 
_citation.journal_id_ISSN           0022-2836 
_citation.journal_id_CSD            0070 
_citation.book_publisher            ? 
_citation.pdbx_database_id_PubMed   12787670 
_citation.pdbx_database_id_DOI      '10.1016/S0022-2836(03)00445-5' 
# 
loop_
_citation_author.citation_id 
_citation_author.name 
_citation_author.ordinal 
_citation_author.identifier_ORCID 
primary 'Freisinger, E.' 1 ? 
primary 'Fernandes, A.'  2 ? 
primary 'Grollman, A.P.' 3 ? 
primary 'Kisker, C.F.'   4 ? 
# 
loop_
_entity.id 
_entity.type 
_entity.src_method 
_entity.pdbx_description 
_entity.formula_weight 
_entity.pdbx_number_of_molecules 
_entity.pdbx_ec 
_entity.pdbx_mutation 
_entity.pdbx_fragment 
_entity.details 
1 polymer     syn "5'-D(*CP*GP*CP*GP*AP*AP*TP*TP*(EDC)P*GP*CP*G)-3'" 3687.414 1  ? ? ? ? 
2 non-polymer syn 'SODIUM ION'                                       22.990   1  ? ? ? ? 
3 water       nat water                                              18.015   73 ? ? ? ? 
# 
_entity_poly.entity_id                      1 
_entity_poly.type                           polydeoxyribonucleotide 
_entity_poly.nstd_linkage                   no 
_entity_poly.nstd_monomer                   yes 
_entity_poly.pdbx_seq_one_letter_code       '(DC)(DG)(DC)(DG)(DA)(DA)(DT)(DT)(EDC)(DG)(DC)(DG)' 
_entity_poly.pdbx_seq_one_letter_code_can   CGCGAATTXGCG 
_entity_poly.pdbx_strand_id                 A 
_entity_poly.pdbx_target_identifier         ? 
# 
loop_
_pdbx_entity_nonpoly.entity_id 
_pdbx_entity_nonpoly.name 
_pdbx_entity_nonpoly.comp_id 
2 'SODIUM ION' NA  
3 water        HOH 
# 
loop_
_entity_poly_seq.entity_id 
_entity_poly_seq.num 
_entity_poly_seq.mon_id 
_entity_poly_seq.hetero 
1 1  DC  n 
1 2  DG  n 
1 3  DC  n 
1 4  DG  n 
1 5  DA  n 
1 6  DA  n 
1 7  DT  n 
1 8  DT  n 
1 9  EDC n 
1 10 DG  n 
1 11 DC  n 
1 12 DG  n 
# 
loop_
_chem_comp.id 
_chem_comp.type 
_chem_comp.mon_nstd_flag 
_chem_comp.name 
_chem_comp.pdbx_synonyms 
_chem_comp.formula 
_chem_comp.formula_weight 
DA  'DNA linking' y "2'-DEOXYADENOSINE-5'-MONOPHOSPHATE"             ? 'C10 H14 N5 O6 P' 331.222 
DC  'DNA linking' y "2'-DEOXYCYTIDINE-5'-MONOPHOSPHATE"              ? 'C9 H14 N3 O7 P'  307.197 
DG  'DNA linking' y "2'-DEOXYGUANOSINE-5'-MONOPHOSPHATE"             ? 'C10 H14 N5 O7 P' 347.221 
DT  'DNA linking' y "THYMIDINE-5'-MONOPHOSPHATE"                     ? 'C10 H15 N2 O8 P' 322.208 
EDC 'DNA linking' . "N3,N4-ETHENO-2'-DEOXYCYTIDINE-5'-MONOPHOSPHATE" 
'6-(2-deoxy-5-O-phosphono-beta-D-erythro-pentofuranosyl)imidazo[1,2-c]pyrimidin-5(6H)-one' 'C11 H14 N3 O7 P' 331.219 
HOH non-polymer   . WATER                                            ? 'H2 O'            18.015  
NA  non-polymer   . 'SODIUM ION'                                     ? 'Na 1'            22.990  
# 
loop_
_pdbx_poly_seq_scheme.asym_id 
_pdbx_poly_seq_scheme.entity_id 
_pdbx_poly_seq_scheme.seq_id 
_pdbx_poly_seq_scheme.mon_id 
_pdbx_poly_seq_scheme.ndb_seq_num 
_pdbx_poly_seq_scheme.pdb_seq_num 
_pdbx_poly_seq_scheme.auth_seq_num 
_pdbx_poly_seq_scheme.pdb_mon_id 
_pdbx_poly_seq_scheme.auth_mon_id 
_pdbx_poly_seq_scheme.pdb_strand_id 
_pdbx_poly_seq_scheme.pdb_ins_code 
_pdbx_poly_seq_scheme.hetero 
A 1 1  DC  1  13 13 DC  C A . n 
A 1 2  DG  2  14 14 DG  G A . n 
A 1 3  DC  3  15 15 DC  C A . n 
A 1 4  DG  4  16 16 DG  G A . n 
A 1 5  DA  5  17 17 DA  A A . n 
A 1 6  DA  6  18 18 DA  A A . n 
A 1 7  DT  7  19 19 DT  T A . n 
A 1 8  DT  8  20 20 DT  T A . n 
A 1 9  EDC 9  21 21 EDC E A . n 
A 1 10 DG  10 22 22 DG  G A . n 
A 1 11 DC  11 23 23 DC  C A . n 
A 1 12 DG  12 24 24 DG  G A . n 
# 
loop_
_pdbx_nonpoly_scheme.asym_id 
_pdbx_nonpoly_scheme.entity_id 
_pdbx_nonpoly_scheme.mon_id 
_pdbx_nonpoly_scheme.ndb_seq_num 
_pdbx_nonpoly_scheme.pdb_seq_num 
_pdbx_nonpoly_scheme.auth_seq_num 
_pdbx_nonpoly_scheme.pdb_mon_id 
_pdbx_nonpoly_scheme.auth_mon_id 
_pdbx_nonpoly_scheme.pdb_strand_id 
_pdbx_nonpoly_scheme.pdb_ins_code 
B 2 NA  1  1101 1101 NA  NA  A . 
C 3 HOH 1  1001 1001 HOH HOH A . 
C 3 HOH 2  1002 1001 HOH HOH A . 
C 3 HOH 3  1003 1001 HOH HOH A . 
C 3 HOH 4  1004 1001 HOH HOH A . 
C 3 HOH 5  1005 1001 HOH HOH A . 
C 3 HOH 6  1006 1001 HOH HOH A . 
C 3 HOH 7  1007 1001 HOH HOH A . 
C 3 HOH 8  1008 1001 HOH HOH A . 
C 3 HOH 9  1009 1001 HOH HOH A . 
C 3 HOH 10 1010 1001 HOH HOH A . 
C 3 HOH 11 1011 1001 HOH HOH A . 
C 3 HOH 12 1012 1001 HOH HOH A . 
C 3 HOH 13 1013 1001 HOH HOH A . 
C 3 HOH 14 1014 1001 HOH HOH A . 
C 3 HOH 15 1015 1001 HOH HOH A . 
C 3 HOH 16 1016 1001 HOH HOH A . 
C 3 HOH 17 1017 1001 HOH HOH A . 
C 3 HOH 18 1018 1001 HOH HOH A . 
C 3 HOH 19 1019 1001 HOH HOH A . 
C 3 HOH 20 1020 1001 HOH HOH A . 
C 3 HOH 21 1021 1001 HOH HOH A . 
C 3 HOH 22 1022 1001 HOH HOH A . 
C 3 HOH 23 1023 1001 HOH HOH A . 
C 3 HOH 24 1024 1001 HOH HOH A . 
C 3 HOH 25 1025 1001 HOH HOH A . 
C 3 HOH 26 1026 1001 HOH HOH A . 
C 3 HOH 27 1027 1001 HOH HOH A . 
C 3 HOH 28 1028 1001 HOH HOH A . 
C 3 HOH 29 1029 1001 HOH HOH A . 
C 3 HOH 30 1030 1001 HOH HOH A . 
C 3 HOH 31 1031 1001 HOH HOH A . 
C 3 HOH 32 1032 1001 HOH HOH A . 
C 3 HOH 33 1033 1001 HOH HOH A . 
C 3 HOH 34 1034 1001 HOH HOH A . 
C 3 HOH 35 1035 1001 HOH HOH A . 
C 3 HOH 36 1036 1001 HOH HOH A . 
C 3 HOH 37 1037 1001 HOH HOH A . 
C 3 HOH 38 1038 1001 HOH HOH A . 
C 3 HOH 39 1039 1001 HOH HOH A . 
C 3 HOH 40 1040 1001 HOH HOH A . 
C 3 HOH 41 1041 1001 HOH HOH A . 
C 3 HOH 42 1042 1001 HOH HOH A . 
C 3 HOH 43 1043 1001 HOH HOH A . 
C 3 HOH 44 1044 1001 HOH HOH A . 
C 3 HOH 45 1045 1001 HOH HOH A . 
C 3 HOH 46 1046 1001 HOH HOH A . 
C 3 HOH 47 1047 1001 HOH HOH A . 
C 3 HOH 48 1048 1001 HOH HOH A . 
C 3 HOH 49 1049 1001 HOH HOH A . 
C 3 HOH 50 1050 1001 HOH HOH A . 
C 3 HOH 51 1051 1001 HOH HOH A . 
C 3 HOH 52 1052 1001 HOH HOH A . 
C 3 HOH 53 1053 1001 HOH HOH A . 
C 3 HOH 54 1054 1001 HOH HOH A . 
C 3 HOH 55 1055 1001 HOH HOH A . 
C 3 HOH 56 1056 1001 HOH HOH A . 
C 3 HOH 57 1057 1001 HOH HOH A . 
C 3 HOH 58 1058 1001 HOH HOH A . 
C 3 HOH 59 1059 1001 HOH HOH A . 
C 3 HOH 60 1060 1001 HOH HOH A . 
C 3 HOH 61 1061 1001 HOH HOH A . 
C 3 HOH 62 1062 1001 HOH HOH A . 
C 3 HOH 63 1063 1001 HOH HOH A . 
C 3 HOH 64 1064 1001 HOH HOH A . 
C 3 HOH 65 1065 1001 HOH HOH A . 
C 3 HOH 66 1066 1001 HOH HOH A . 
C 3 HOH 67 1067 1001 HOH HOH A . 
C 3 HOH 68 1068 1001 HOH HOH A . 
C 3 HOH 69 1069 1001 HOH HOH A . 
C 3 HOH 70 1070 1001 HOH HOH A . 
C 3 HOH 71 1071 1001 HOH HOH A . 
C 3 HOH 72 1072 1001 HOH HOH A . 
C 3 HOH 73 1073 1001 HOH HOH A . 
# 
loop_
_software.name 
_software.classification 
_software.version 
_software.citation_id 
_software.pdbx_ordinal 
DENZO     'data reduction' . ? 1 
SCALEPACK 'data scaling'   . ? 2 
X-PLOR    'model building' . ? 3 
SHELXL-97 refinement       . ? 4 
X-PLOR    phasing          . ? 5 
# 
_cell.entry_id           1N5C 
_cell.length_a           26.723 
_cell.length_b           26.723 
_cell.length_c           101.544 
_cell.angle_alpha        90.00 
_cell.angle_beta         90.00 
_cell.angle_gamma        120.00 
_cell.Z_PDB              6 
_cell.pdbx_unique_axis   ? 
_cell.length_a_esd       ? 
_cell.length_b_esd       ? 
_cell.length_c_esd       ? 
_cell.angle_alpha_esd    ? 
_cell.angle_beta_esd     ? 
_cell.angle_gamma_esd    ? 
# 
_symmetry.entry_id                         1N5C 
_symmetry.space_group_name_H-M             'P 32 1 2' 
_symmetry.pdbx_full_space_group_name_H-M   ? 
_symmetry.cell_setting                     ? 
_symmetry.Int_Tables_number                153 
_symmetry.space_group_name_Hall            ? 
# 
_exptl.entry_id          1N5C 
_exptl.method            'X-RAY DIFFRACTION' 
_exptl.crystals_number   1 
# 
_exptl_crystal.id                    1 
_exptl_crystal.density_meas          ? 
_exptl_crystal.density_Matthews      2.34 
_exptl_crystal.density_percent_sol   47.11 
_exptl_crystal.description           ? 
_exptl_crystal.F_000                 ? 
_exptl_crystal.preparation           ? 
# 
_exptl_crystal_grow.crystal_id      1 
_exptl_crystal_grow.method          ? 
_exptl_crystal_grow.temp            277 
_exptl_crystal_grow.temp_details    ? 
_exptl_crystal_grow.pH              7.00 
_exptl_crystal_grow.pdbx_details    
;Drop: MPD, potassium chloride, spermine tetrahydrochloride, cacodylate; Reservoir: MPD, pH 7.0, VAPOR DIFFUSION, HANGING DROP, temperature 277K, pH 7.00
;
_exptl_crystal_grow.pdbx_pH_range   . 
# 
loop_
_exptl_crystal_grow_comp.crystal_id 
_exptl_crystal_grow_comp.id 
_exptl_crystal_grow_comp.sol_id 
_exptl_crystal_grow_comp.name 
_exptl_crystal_grow_comp.volume 
_exptl_crystal_grow_comp.conc 
_exptl_crystal_grow_comp.details 
1 1 1 MPD                           ? ? ? 
1 2 1 KCl                           ? ? ? 
1 3 1 'spermine tetrahydrochloride' ? ? ? 
1 4 1 cacodylate                    ? ? ? 
1 5 2 MPD                           ? ? ? 
# 
_diffrn.id                     1 
_diffrn.ambient_temp           100.0 
_diffrn.ambient_temp_details   ? 
_diffrn.crystal_id             1 
# 
_diffrn_detector.diffrn_id              1 
_diffrn_detector.detector               CCD 
_diffrn_detector.type                   'ADSC QUANTUM 4' 
_diffrn_detector.pdbx_collection_date   2000-06-13 
_diffrn_detector.details                ? 
# 
_diffrn_radiation.diffrn_id                        1 
_diffrn_radiation.wavelength_id                    1 
_diffrn_radiation.pdbx_monochromatic_or_laue_m_l   M 
_diffrn_radiation.monochromator                    MIRROR 
_diffrn_radiation.pdbx_diffrn_protocol             'SINGLE WAVELENGTH' 
_diffrn_radiation.pdbx_scattering_type             x-ray 
# 
_diffrn_radiation_wavelength.id           1 
_diffrn_radiation_wavelength.wavelength   1.1 
_diffrn_radiation_wavelength.wt           1.0 
# 
_diffrn_source.diffrn_id                   1 
_diffrn_source.source                      SYNCHROTRON 
_diffrn_source.type                        'NSLS BEAMLINE X26C' 
_diffrn_source.pdbx_synchrotron_site       NSLS 
_diffrn_source.pdbx_synchrotron_beamline   X26C 
_diffrn_source.pdbx_wavelength             1.1 
_diffrn_source.pdbx_wavelength_list        ? 
# 
_reflns.entry_id                     1N5C 
_reflns.observed_criterion_sigma_I   5 
_reflns.observed_criterion_sigma_F   ? 
_reflns.d_resolution_low             50.000 
_reflns.d_resolution_high            1.790 
_reflns.number_obs                   4113 
_reflns.number_all                   ? 
_reflns.percent_possible_obs         99.4 
_reflns.pdbx_Rmerge_I_obs            ? 
_reflns.pdbx_Rsym_value              0.061 
_reflns.pdbx_netI_over_sigmaI        22 
_reflns.B_iso_Wilson_estimate        ? 
_reflns.pdbx_redundancy              4 
_reflns.R_free_details               ? 
_reflns.pdbx_ordinal                 1 
_reflns.pdbx_diffrn_id               1 
_reflns.pdbx_chi_squared             ? 
_reflns.pdbx_scaling_rejects         ? 
# 
_reflns_shell.d_res_high             1.79 
_reflns_shell.d_res_low              1.85 
_reflns_shell.percent_possible_all   100.0 
_reflns_shell.Rmerge_I_obs           ? 
_reflns_shell.pdbx_Rsym_value        0.187 
_reflns_shell.meanI_over_sigI_obs    2 
_reflns_shell.pdbx_redundancy        4 
_reflns_shell.percent_possible_obs   ? 
_reflns_shell.number_unique_all      ? 
_reflns_shell.pdbx_ordinal           1 
_reflns_shell.pdbx_diffrn_id         1 
_reflns_shell.number_measured_all    ? 
_reflns_shell.number_measured_obs    ? 
_reflns_shell.number_unique_obs      ? 
_reflns_shell.pdbx_chi_squared       ? 
# 
_refine.entry_id                                 1N5C 
_refine.ls_number_reflns_obs                     ? 
_refine.ls_number_reflns_all                     3913 
_refine.pdbx_ls_sigma_I                          ? 
_refine.pdbx_ls_sigma_F                          0.000 
_refine.pdbx_data_cutoff_high_absF               ? 
_refine.pdbx_data_cutoff_low_absF                ? 
_refine.pdbx_data_cutoff_high_rms_absF           ? 
_refine.ls_d_res_low                             20.00 
_refine.ls_d_res_high                            1.79 
_refine.ls_percent_reflns_obs                    99.6 
_refine.ls_R_factor_obs                          0.161 
_refine.ls_R_factor_all                          0.164 
_refine.ls_R_factor_R_work                       ? 
_refine.ls_R_factor_R_free                       0.219 
_refine.ls_R_factor_R_free_error                 ? 
_refine.ls_R_factor_R_free_error_details         ? 
_refine.ls_percent_reflns_R_free                 5 
_refine.ls_number_reflns_R_free                  200 
_refine.ls_number_parameters                     1327 
_refine.ls_number_restraints                     1445 
_refine.occupancy_min                            ? 
_refine.occupancy_max                            ? 
_refine.correlation_coeff_Fo_to_Fc               ? 
_refine.correlation_coeff_Fo_to_Fc_free          ? 
_refine.B_iso_mean                               ? 
_refine.aniso_B[1][1]                            ? 
_refine.aniso_B[2][2]                            ? 
_refine.aniso_B[3][3]                            ? 
_refine.aniso_B[1][2]                            ? 
_refine.aniso_B[1][3]                            ? 
_refine.aniso_B[2][3]                            ? 
_refine.solvent_model_details                    
;BABINET'S PRINCIPLE
;
_refine.solvent_model_param_ksol                 ? 
_refine.solvent_model_param_bsol                 ? 
_refine.pdbx_solvent_vdw_probe_radii             ? 
_refine.pdbx_solvent_ion_probe_radii             ? 
_refine.pdbx_solvent_shrinkage_radii             ? 
_refine.pdbx_ls_cross_valid_method               THROUGHOUT 
_refine.details                                  ? 
_refine.pdbx_starting_model                      'NDB ENTRY BD0032' 
_refine.pdbx_method_to_determine_struct          'ISOMORPHOUS REPLACEMENT' 
_refine.pdbx_isotropic_thermal_model             ? 
_refine.pdbx_stereochemistry_target_values       'ENGH & HUBER' 
_refine.pdbx_stereochem_target_val_spec_case     ? 
_refine.pdbx_R_Free_selection_details            RANDOM 
_refine.pdbx_overall_ESU_R                       ? 
_refine.pdbx_overall_ESU_R_Free                  ? 
_refine.overall_SU_ML                            ? 
_refine.overall_SU_B                             ? 
_refine.ls_redundancy_reflns_obs                 ? 
_refine.overall_SU_R_Cruickshank_DPI             ? 
_refine.overall_SU_R_free                        ? 
_refine.pdbx_refine_id                           'X-RAY DIFFRACTION' 
_refine.pdbx_diffrn_id                           1 
_refine.pdbx_overall_phase_error                 ? 
_refine.ls_wR_factor_R_free                      ? 
_refine.ls_wR_factor_R_work                      ? 
_refine.overall_FOM_free_R_set                   ? 
_refine.overall_FOM_work_R_set                   ? 
_refine.pdbx_TLS_residual_ADP_flag               ? 
_refine.pdbx_overall_SU_R_free_Cruickshank_DPI   ? 
_refine.pdbx_overall_SU_R_Blow_DPI               ? 
_refine.pdbx_overall_SU_R_free_Blow_DPI          ? 
# 
_refine_analyze.entry_id                        1N5C 
_refine_analyze.Luzzati_coordinate_error_obs    ? 
_refine_analyze.Luzzati_sigma_a_obs             ? 
_refine_analyze.Luzzati_d_res_low_obs           ? 
_refine_analyze.Luzzati_coordinate_error_free   ? 
_refine_analyze.Luzzati_sigma_a_free            ? 
_refine_analyze.Luzzati_d_res_low_free          ? 
_refine_analyze.number_disordered_residues      ? 
_refine_analyze.occupancy_sum_hydrogen          137 
_refine_analyze.occupancy_sum_non_hydrogen      303.75 
_refine_analyze.pdbx_refine_id                  'X-RAY DIFFRACTION' 
# 
_refine_hist.pdbx_refine_id                   'X-RAY DIFFRACTION' 
_refine_hist.cycle_id                         LAST 
_refine_hist.pdbx_number_atoms_protein        0 
_refine_hist.pdbx_number_atoms_nucleic_acid   245 
_refine_hist.pdbx_number_atoms_ligand         1 
_refine_hist.number_atoms_solvent             73 
_refine_hist.number_atoms_total               319 
_refine_hist.d_res_high                       1.79 
_refine_hist.d_res_low                        20.00 
# 
loop_
_refine_ls_restr.type 
_refine_ls_restr.dev_ideal 
_refine_ls_restr.dev_ideal_target 
_refine_ls_restr.weight 
_refine_ls_restr.number 
_refine_ls_restr.pdbx_refine_id 
_refine_ls_restr.pdbx_restraint_function 
s_bond_d               0.020 ? ? ? 'X-RAY DIFFRACTION' ? 
s_angle_d              2.600 ? ? ? 'X-RAY DIFFRACTION' ? 
s_similar_dist         ?     ? ? ? 'X-RAY DIFFRACTION' ? 
s_from_restr_planes    0.025 ? ? ? 'X-RAY DIFFRACTION' ? 
s_zero_chiral_vol      ?     ? ? ? 'X-RAY DIFFRACTION' ? 
s_non_zero_chiral_vol  0.007 ? ? ? 'X-RAY DIFFRACTION' ? 
s_anti_bump_dis_restr  0.065 ? ? ? 'X-RAY DIFFRACTION' ? 
s_rigid_bond_adp_cmpnt ?     ? ? ? 'X-RAY DIFFRACTION' ? 
s_similar_adp_cmpnt    0.143 ? ? ? 'X-RAY DIFFRACTION' ? 
s_approx_iso_adps      ?     ? ? ? 'X-RAY DIFFRACTION' ? 
# 
_pdbx_refine.entry_id                                    1N5C 
_pdbx_refine.R_factor_all_no_cutoff                      0.164 
_pdbx_refine.R_factor_obs_no_cutoff                      0.161 
_pdbx_refine.free_R_factor_no_cutoff                     0.219 
_pdbx_refine.free_R_val_test_set_size_perc_no_cutoff     5 
_pdbx_refine.free_R_val_test_set_ct_no_cutoff            200 
_pdbx_refine.R_factor_all_4sig_cutoff                    0.152 
_pdbx_refine.R_factor_obs_4sig_cutoff                    0.149 
_pdbx_refine.free_R_factor_4sig_cutoff                   0.215 
_pdbx_refine.free_R_val_test_set_size_perc_4sig_cutoff   5 
_pdbx_refine.free_R_val_test_set_ct_4sig_cutoff          172 
_pdbx_refine.number_reflns_obs_4sig_cutoff               3141 
_pdbx_refine.number_reflns_obs_no_cutoff                 ? 
_pdbx_refine.pdbx_refine_id                              'X-RAY DIFFRACTION' 
_pdbx_refine.free_R_error_no_cutoff                      ? 
# 
_struct.entry_id                  1N5C 
_struct.title                     'Crystal Structure Analysis of the B-DNA Dodecamer CGCGAATT(ethenoC)GCG' 
_struct.pdbx_model_details        ? 
_struct.pdbx_CASP_flag            ? 
_struct.pdbx_model_type_details   ? 
# 
_struct_keywords.entry_id        1N5C 
_struct_keywords.pdbx_keywords   DNA 
_struct_keywords.text            
;B form double helix, 3, N4-etheno-2'-cytidine modification opposite G, DNA
;
# 
loop_
_struct_asym.id 
_struct_asym.pdbx_blank_PDB_chainid_flag 
_struct_asym.pdbx_modified 
_struct_asym.entity_id 
_struct_asym.details 
A N N 1 ? 
B N N 2 ? 
C N N 3 ? 
# 
_struct_ref.id                         1 
_struct_ref.entity_id                  1 
_struct_ref.db_name                    PDB 
_struct_ref.db_code                    1N5C 
_struct_ref.pdbx_db_accession          1N5C 
_struct_ref.pdbx_align_begin           ? 
_struct_ref.pdbx_seq_one_letter_code   ? 
_struct_ref.pdbx_db_isoform            ? 
# 
_struct_ref_seq.align_id                      1 
_struct_ref_seq.ref_id                        1 
_struct_ref_seq.pdbx_PDB_id_code              1N5C 
_struct_ref_seq.pdbx_strand_id                A 
_struct_ref_seq.seq_align_beg                 1 
_struct_ref_seq.pdbx_seq_align_beg_ins_code   ? 
_struct_ref_seq.seq_align_end                 12 
_struct_ref_seq.pdbx_seq_align_end_ins_code   ? 
_struct_ref_seq.pdbx_db_accession             1N5C 
_struct_ref_seq.db_align_beg                  13 
_struct_ref_seq.pdbx_db_align_beg_ins_code    ? 
_struct_ref_seq.db_align_end                  24 
_struct_ref_seq.pdbx_db_align_end_ins_code    ? 
_struct_ref_seq.pdbx_auth_seq_align_beg       13 
_struct_ref_seq.pdbx_auth_seq_align_end       24 
# 
_pdbx_struct_assembly.id                   1 
_pdbx_struct_assembly.details              author_defined_assembly 
_pdbx_struct_assembly.method_details       ? 
_pdbx_struct_assembly.oligomeric_details   dimeric 
_pdbx_struct_assembly.oligomeric_count     2 
# 
_pdbx_struct_assembly_gen.assembly_id       1 
_pdbx_struct_assembly_gen.oper_expression   1,2 
_pdbx_struct_assembly_gen.asym_id_list      A,B,C 
# 
loop_
_pdbx_struct_oper_list.id 
_pdbx_struct_oper_list.type 
_pdbx_struct_oper_list.name 
_pdbx_struct_oper_list.symmetry_operation 
_pdbx_struct_oper_list.matrix[1][1] 
_pdbx_struct_oper_list.matrix[1][2] 
_pdbx_struct_oper_list.matrix[1][3] 
_pdbx_struct_oper_list.vector[1] 
_pdbx_struct_oper_list.matrix[2][1] 
_pdbx_struct_oper_list.matrix[2][2] 
_pdbx_struct_oper_list.matrix[2][3] 
_pdbx_struct_oper_list.vector[2] 
_pdbx_struct_oper_list.matrix[3][1] 
_pdbx_struct_oper_list.matrix[3][2] 
_pdbx_struct_oper_list.matrix[3][3] 
_pdbx_struct_oper_list.vector[3] 
1 'identity operation'         1_555 x,y,z           1.0000000000  0.0000000000  0.0000000000 0.0000000000 0.0000000000  1.0000000000 0.0000000000  0.0000000000 0.0000000000 0.0000000000  1.0000000000  0.0000000000  
2 'crystal symmetry operation' 5_655 -x+y+1,y,-z+2/3 -0.6991293630 -0.6742585963 0.2378938401 2.7441904379 -0.6742585963 0.5110303191 -0.5331260249 1.0511529619 0.2378938401 -0.5331260249 -0.8119009561 -0.4913847476 
# 
_struct_biol.id                    1 
_struct_biol.details               
;The second part of the biological assembly/double helix is generated 
by the two fold axis: 
-x+y+1, y, -z+3/2.
;
_struct_biol.pdbx_parent_biol_id   ? 
# 
loop_
_struct_conn.id 
_struct_conn.conn_type_id 
_struct_conn.pdbx_leaving_atom_flag 
_struct_conn.pdbx_PDB_id 
_struct_conn.ptnr1_label_asym_id 
_struct_conn.ptnr1_label_comp_id 
_struct_conn.ptnr1_label_seq_id 
_struct_conn.ptnr1_label_atom_id 
_struct_conn.pdbx_ptnr1_label_alt_id 
_struct_conn.pdbx_ptnr1_PDB_ins_code 
_struct_conn.pdbx_ptnr1_standard_comp_id 
_struct_conn.ptnr1_symmetry 
_struct_conn.ptnr2_label_asym_id 
_struct_conn.ptnr2_label_comp_id 
_struct_conn.ptnr2_label_seq_id 
_struct_conn.ptnr2_label_atom_id 
_struct_conn.pdbx_ptnr2_label_alt_id 
_struct_conn.pdbx_ptnr2_PDB_ins_code 
_struct_conn.ptnr1_auth_asym_id 
_struct_conn.ptnr1_auth_comp_id 
_struct_conn.ptnr1_auth_seq_id 
_struct_conn.ptnr2_auth_asym_id 
_struct_conn.ptnr2_auth_comp_id 
_struct_conn.ptnr2_auth_seq_id 
_struct_conn.ptnr2_symmetry 
_struct_conn.pdbx_ptnr3_label_atom_id 
_struct_conn.pdbx_ptnr3_label_seq_id 
_struct_conn.pdbx_ptnr3_label_comp_id 
_struct_conn.pdbx_ptnr3_label_asym_id 
_struct_conn.pdbx_ptnr3_label_alt_id 
_struct_conn.pdbx_ptnr3_PDB_ins_code 
_struct_conn.details 
_struct_conn.pdbx_dist_value 
_struct_conn.pdbx_value_order 
_struct_conn.pdbx_role 
covale1  covale both ? A DT  8  "O3'" ? ? ? 1_555 A EDC 9  P  ? ? A DT  20 A EDC 21   1_555 ? ? ? ? ? ? ?            1.620 ? ? 
covale2  covale both ? A EDC 9  "O3'" ? ? ? 1_555 A DG  10 P  ? ? A EDC 21 A DG  22   1_555 ? ? ? ? ? ? ?            1.573 ? ? 
metalc1  metalc ?    ? A DC  1  N3    ? ? ? 1_555 B NA  .  NA ? ? A DC  13 A NA  1101 1_555 ? ? ? ? ? ? ?            2.292 ? ? 
metalc2  metalc ?    ? A DC  1  O2    ? ? ? 1_555 B NA  .  NA ? ? A DC  13 A NA  1101 1_555 ? ? ? ? ? ? ?            2.395 ? ? 
metalc3  metalc ?    ? A DG  12 OP1   ? ? ? 5_755 B NA  .  NA ? ? A DG  24 A NA  1101 1_555 ? ? ? ? ? ? ?            2.279 ? ? 
hydrog1  hydrog ?    ? A DG  2  N1    ? ? ? 1_555 A DC  11 N3 ? ? A DG  14 A DC  23   5_655 ? ? ? ? ? ? WATSON-CRICK ?     ? ? 
hydrog2  hydrog ?    ? A DG  2  N2    ? ? ? 1_555 A DC  11 O2 ? ? A DG  14 A DC  23   5_655 ? ? ? ? ? ? WATSON-CRICK ?     ? ? 
hydrog3  hydrog ?    ? A DG  2  O6    ? ? ? 1_555 A DC  11 N4 ? ? A DG  14 A DC  23   5_655 ? ? ? ? ? ? WATSON-CRICK ?     ? ? 
hydrog4  hydrog ?    ? A DC  3  N3    ? ? ? 1_555 A DG  10 N1 ? ? A DC  15 A DG  22   5_655 ? ? ? ? ? ? WATSON-CRICK ?     ? ? 
hydrog5  hydrog ?    ? A DC  3  N4    ? ? ? 1_555 A DG  10 O6 ? ? A DC  15 A DG  22   5_655 ? ? ? ? ? ? WATSON-CRICK ?     ? ? 
hydrog6  hydrog ?    ? A DC  3  O2    ? ? ? 1_555 A DG  10 N2 ? ? A DC  15 A DG  22   5_655 ? ? ? ? ? ? WATSON-CRICK ?     ? ? 
hydrog7  hydrog ?    ? A DA  5  N1    ? ? ? 1_555 A DT  8  N3 ? ? A DA  17 A DT  20   5_655 ? ? ? ? ? ? WATSON-CRICK ?     ? ? 
hydrog8  hydrog ?    ? A DA  5  N6    ? ? ? 1_555 A DT  8  O4 ? ? A DA  17 A DT  20   5_655 ? ? ? ? ? ? WATSON-CRICK ?     ? ? 
hydrog9  hydrog ?    ? A DA  6  N1    ? ? ? 1_555 A DT  7  N3 ? ? A DA  18 A DT  19   5_655 ? ? ? ? ? ? WATSON-CRICK ?     ? ? 
hydrog10 hydrog ?    ? A DA  6  N6    ? ? ? 1_555 A DT  7  O4 ? ? A DA  18 A DT  19   5_655 ? ? ? ? ? ? WATSON-CRICK ?     ? ? 
hydrog11 hydrog ?    ? A DT  7  N3    ? ? ? 1_555 A DA  6  N1 ? ? A DT  19 A DA  18   5_655 ? ? ? ? ? ? WATSON-CRICK ?     ? ? 
hydrog12 hydrog ?    ? A DT  7  O4    ? ? ? 1_555 A DA  6  N6 ? ? A DT  19 A DA  18   5_655 ? ? ? ? ? ? WATSON-CRICK ?     ? ? 
hydrog13 hydrog ?    ? A DT  8  N3    ? ? ? 1_555 A DA  5  N1 ? ? A DT  20 A DA  17   5_655 ? ? ? ? ? ? WATSON-CRICK ?     ? ? 
hydrog14 hydrog ?    ? A DT  8  O4    ? ? ? 1_555 A DA  5  N6 ? ? A DT  20 A DA  17   5_655 ? ? ? ? ? ? WATSON-CRICK ?     ? ? 
hydrog15 hydrog ?    ? A DG  10 N1    ? ? ? 1_555 A DC  3  N3 ? ? A DG  22 A DC  15   5_655 ? ? ? ? ? ? WATSON-CRICK ?     ? ? 
hydrog16 hydrog ?    ? A DG  10 N2    ? ? ? 1_555 A DC  3  O2 ? ? A DG  22 A DC  15   5_655 ? ? ? ? ? ? WATSON-CRICK ?     ? ? 
hydrog17 hydrog ?    ? A DG  10 O6    ? ? ? 1_555 A DC  3  N4 ? ? A DG  22 A DC  15   5_655 ? ? ? ? ? ? WATSON-CRICK ?     ? ? 
hydrog18 hydrog ?    ? A DC  11 N3    ? ? ? 1_555 A DG  2  N1 ? ? A DC  23 A DG  14   5_655 ? ? ? ? ? ? WATSON-CRICK ?     ? ? 
hydrog19 hydrog ?    ? A DC  11 N4    ? ? ? 1_555 A DG  2  O6 ? ? A DC  23 A DG  14   5_655 ? ? ? ? ? ? WATSON-CRICK ?     ? ? 
hydrog20 hydrog ?    ? A DC  11 O2    ? ? ? 1_555 A DG  2  N2 ? ? A DC  23 A DG  14   5_655 ? ? ? ? ? ? WATSON-CRICK ?     ? ? 
# 
loop_
_struct_conn_type.id 
_struct_conn_type.criteria 
_struct_conn_type.reference 
covale ? ? 
metalc ? ? 
hydrog ? ? 
# 
loop_
_pdbx_struct_conn_angle.id 
_pdbx_struct_conn_angle.ptnr1_label_atom_id 
_pdbx_struct_conn_angle.ptnr1_label_alt_id 
_pdbx_struct_conn_angle.ptnr1_label_asym_id 
_pdbx_struct_conn_angle.ptnr1_label_comp_id 
_pdbx_struct_conn_angle.ptnr1_label_seq_id 
_pdbx_struct_conn_angle.ptnr1_auth_atom_id 
_pdbx_struct_conn_angle.ptnr1_auth_asym_id 
_pdbx_struct_conn_angle.ptnr1_auth_comp_id 
_pdbx_struct_conn_angle.ptnr1_auth_seq_id 
_pdbx_struct_conn_angle.ptnr1_PDB_ins_code 
_pdbx_struct_conn_angle.ptnr1_symmetry 
_pdbx_struct_conn_angle.ptnr2_label_atom_id 
_pdbx_struct_conn_angle.ptnr2_label_alt_id 
_pdbx_struct_conn_angle.ptnr2_label_asym_id 
_pdbx_struct_conn_angle.ptnr2_label_comp_id 
_pdbx_struct_conn_angle.ptnr2_label_seq_id 
_pdbx_struct_conn_angle.ptnr2_auth_atom_id 
_pdbx_struct_conn_angle.ptnr2_auth_asym_id 
_pdbx_struct_conn_angle.ptnr2_auth_comp_id 
_pdbx_struct_conn_angle.ptnr2_auth_seq_id 
_pdbx_struct_conn_angle.ptnr2_PDB_ins_code 
_pdbx_struct_conn_angle.ptnr2_symmetry 
_pdbx_struct_conn_angle.ptnr3_label_atom_id 
_pdbx_struct_conn_angle.ptnr3_label_alt_id 
_pdbx_struct_conn_angle.ptnr3_label_asym_id 
_pdbx_struct_conn_angle.ptnr3_label_comp_id 
_pdbx_struct_conn_angle.ptnr3_label_seq_id 
_pdbx_struct_conn_angle.ptnr3_auth_atom_id 
_pdbx_struct_conn_angle.ptnr3_auth_asym_id 
_pdbx_struct_conn_angle.ptnr3_auth_comp_id 
_pdbx_struct_conn_angle.ptnr3_auth_seq_id 
_pdbx_struct_conn_angle.ptnr3_PDB_ins_code 
_pdbx_struct_conn_angle.ptnr3_symmetry 
_pdbx_struct_conn_angle.value 
_pdbx_struct_conn_angle.value_esd 
1 N3 ? A DC 1 ? A DC 13 ? 1_555 NA ? B NA . ? A NA 1101 ? 1_555 O2  ? A DC 1  ? A DC 13 ? 1_555 56.8  ? 
2 N3 ? A DC 1 ? A DC 13 ? 1_555 NA ? B NA . ? A NA 1101 ? 1_555 OP1 ? A DG 12 ? A DG 24 ? 5_755 112.3 ? 
3 O2 ? A DC 1 ? A DC 13 ? 1_555 NA ? B NA . ? A NA 1101 ? 1_555 OP1 ? A DG 12 ? A DG 24 ? 5_755 93.2  ? 
# 
_struct_site.id                   AC1 
_struct_site.pdbx_evidence_code   Software 
_struct_site.pdbx_auth_asym_id    A 
_struct_site.pdbx_auth_comp_id    NA 
_struct_site.pdbx_auth_seq_id     1101 
_struct_site.pdbx_auth_ins_code   ? 
_struct_site.pdbx_num_residues    3 
_struct_site.details              'BINDING SITE FOR RESIDUE NA A 1101' 
# 
loop_
_struct_site_gen.id 
_struct_site_gen.site_id 
_struct_site_gen.pdbx_num_res 
_struct_site_gen.label_comp_id 
_struct_site_gen.label_asym_id 
_struct_site_gen.label_seq_id 
_struct_site_gen.pdbx_auth_ins_code 
_struct_site_gen.auth_comp_id 
_struct_site_gen.auth_asym_id 
_struct_site_gen.auth_seq_id 
_struct_site_gen.label_atom_id 
_struct_site_gen.label_alt_id 
_struct_site_gen.symmetry 
_struct_site_gen.details 
1 AC1 3 DC A 1  ? DC A 13 . ? 1_555 ? 
2 AC1 3 DC A 11 ? DC A 23 . ? 5_755 ? 
3 AC1 3 DG A 12 ? DG A 24 . ? 5_755 ? 
# 
loop_
_pdbx_validate_rmsd_angle.id 
_pdbx_validate_rmsd_angle.PDB_model_num 
_pdbx_validate_rmsd_angle.auth_atom_id_1 
_pdbx_validate_rmsd_angle.auth_asym_id_1 
_pdbx_validate_rmsd_angle.auth_comp_id_1 
_pdbx_validate_rmsd_angle.auth_seq_id_1 
_pdbx_validate_rmsd_angle.PDB_ins_code_1 
_pdbx_validate_rmsd_angle.label_alt_id_1 
_pdbx_validate_rmsd_angle.auth_atom_id_2 
_pdbx_validate_rmsd_angle.auth_asym_id_2 
_pdbx_validate_rmsd_angle.auth_comp_id_2 
_pdbx_validate_rmsd_angle.auth_seq_id_2 
_pdbx_validate_rmsd_angle.PDB_ins_code_2 
_pdbx_validate_rmsd_angle.label_alt_id_2 
_pdbx_validate_rmsd_angle.auth_atom_id_3 
_pdbx_validate_rmsd_angle.auth_asym_id_3 
_pdbx_validate_rmsd_angle.auth_comp_id_3 
_pdbx_validate_rmsd_angle.auth_seq_id_3 
_pdbx_validate_rmsd_angle.PDB_ins_code_3 
_pdbx_validate_rmsd_angle.label_alt_id_3 
_pdbx_validate_rmsd_angle.angle_value 
_pdbx_validate_rmsd_angle.angle_target_value 
_pdbx_validate_rmsd_angle.angle_deviation 
_pdbx_validate_rmsd_angle.angle_standard_deviation 
_pdbx_validate_rmsd_angle.linker_flag 
1 1 C6    A DC  13 ? ? N1    A DC  13 ? ? C2 A DC 13 ? ? 117.64 120.30 -2.66 0.40 N 
2 1 C2    A DC  13 ? ? N3    A DC  13 ? ? C4 A DC 13 ? ? 123.03 119.90 3.13  0.50 N 
3 1 C5    A DC  13 ? ? C6    A DC  13 ? ? N1 A DC 13 ? ? 124.32 121.00 3.32  0.50 N 
4 1 N1    A DC  13 ? ? C2    A DC  13 ? ? O2 A DC 13 ? ? 123.55 118.90 4.65  0.60 N 
5 1 "O4'" A DG  14 ? ? "C1'" A DG  14 ? ? N9 A DG 14 ? ? 101.04 108.00 -6.96 0.70 N 
6 1 "O4'" A DT  20 ? ? "C1'" A DT  20 ? ? N1 A DT 20 ? ? 102.12 108.00 -5.88 0.70 N 
7 1 "C3'" A EDC 21 ? ? "O3'" A EDC 21 ? ? P  A DG 22 ? ? 130.87 119.70 11.17 1.20 Y 
8 1 N1    A DG  22 ? ? C6    A DG  22 ? ? O6 A DG 22 ? ? 124.83 119.90 4.93  0.60 N 
9 1 C5    A DG  22 ? ? C6    A DG  22 ? ? O6 A DG 22 ? ? 123.52 128.60 -5.08 0.60 N 
# 
loop_
_pdbx_struct_special_symmetry.id 
_pdbx_struct_special_symmetry.PDB_model_num 
_pdbx_struct_special_symmetry.auth_asym_id 
_pdbx_struct_special_symmetry.auth_comp_id 
_pdbx_struct_special_symmetry.auth_seq_id 
_pdbx_struct_special_symmetry.PDB_ins_code 
_pdbx_struct_special_symmetry.label_asym_id 
_pdbx_struct_special_symmetry.label_comp_id 
_pdbx_struct_special_symmetry.label_seq_id 
1 1 A NA  1101 ? B NA  . 
2 1 A HOH 1002 ? C HOH . 
3 1 A HOH 1042 ? C HOH . 
4 1 A HOH 1050 ? C HOH . 
5 1 A HOH 1056 ? C HOH . 
# 
loop_
_chem_comp_atom.comp_id 
_chem_comp_atom.atom_id 
_chem_comp_atom.type_symbol 
_chem_comp_atom.pdbx_aromatic_flag 
_chem_comp_atom.pdbx_stereo_config 
_chem_comp_atom.pdbx_ordinal 
DA  OP3    O  N N 1   
DA  P      P  N N 2   
DA  OP1    O  N N 3   
DA  OP2    O  N N 4   
DA  "O5'"  O  N N 5   
DA  "C5'"  C  N N 6   
DA  "C4'"  C  N R 7   
DA  "O4'"  O  N N 8   
DA  "C3'"  C  N S 9   
DA  "O3'"  O  N N 10  
DA  "C2'"  C  N N 11  
DA  "C1'"  C  N R 12  
DA  N9     N  Y N 13  
DA  C8     C  Y N 14  
DA  N7     N  Y N 15  
DA  C5     C  Y N 16  
DA  C6     C  Y N 17  
DA  N6     N  N N 18  
DA  N1     N  Y N 19  
DA  C2     C  Y N 20  
DA  N3     N  Y N 21  
DA  C4     C  Y N 22  
DA  HOP3   H  N N 23  
DA  HOP2   H  N N 24  
DA  "H5'"  H  N N 25  
DA  "H5''" H  N N 26  
DA  "H4'"  H  N N 27  
DA  "H3'"  H  N N 28  
DA  "HO3'" H  N N 29  
DA  "H2'"  H  N N 30  
DA  "H2''" H  N N 31  
DA  "H1'"  H  N N 32  
DA  H8     H  N N 33  
DA  H61    H  N N 34  
DA  H62    H  N N 35  
DA  H2     H  N N 36  
DC  OP3    O  N N 37  
DC  P      P  N N 38  
DC  OP1    O  N N 39  
DC  OP2    O  N N 40  
DC  "O5'"  O  N N 41  
DC  "C5'"  C  N N 42  
DC  "C4'"  C  N R 43  
DC  "O4'"  O  N N 44  
DC  "C3'"  C  N S 45  
DC  "O3'"  O  N N 46  
DC  "C2'"  C  N N 47  
DC  "C1'"  C  N R 48  
DC  N1     N  N N 49  
DC  C2     C  N N 50  
DC  O2     O  N N 51  
DC  N3     N  N N 52  
DC  C4     C  N N 53  
DC  N4     N  N N 54  
DC  C5     C  N N 55  
DC  C6     C  N N 56  
DC  HOP3   H  N N 57  
DC  HOP2   H  N N 58  
DC  "H5'"  H  N N 59  
DC  "H5''" H  N N 60  
DC  "H4'"  H  N N 61  
DC  "H3'"  H  N N 62  
DC  "HO3'" H  N N 63  
DC  "H2'"  H  N N 64  
DC  "H2''" H  N N 65  
DC  "H1'"  H  N N 66  
DC  H41    H  N N 67  
DC  H42    H  N N 68  
DC  H5     H  N N 69  
DC  H6     H  N N 70  
DG  OP3    O  N N 71  
DG  P      P  N N 72  
DG  OP1    O  N N 73  
DG  OP2    O  N N 74  
DG  "O5'"  O  N N 75  
DG  "C5'"  C  N N 76  
DG  "C4'"  C  N R 77  
DG  "O4'"  O  N N 78  
DG  "C3'"  C  N S 79  
DG  "O3'"  O  N N 80  
DG  "C2'"  C  N N 81  
DG  "C1'"  C  N R 82  
DG  N9     N  Y N 83  
DG  C8     C  Y N 84  
DG  N7     N  Y N 85  
DG  C5     C  Y N 86  
DG  C6     C  N N 87  
DG  O6     O  N N 88  
DG  N1     N  N N 89  
DG  C2     C  N N 90  
DG  N2     N  N N 91  
DG  N3     N  N N 92  
DG  C4     C  Y N 93  
DG  HOP3   H  N N 94  
DG  HOP2   H  N N 95  
DG  "H5'"  H  N N 96  
DG  "H5''" H  N N 97  
DG  "H4'"  H  N N 98  
DG  "H3'"  H  N N 99  
DG  "HO3'" H  N N 100 
DG  "H2'"  H  N N 101 
DG  "H2''" H  N N 102 
DG  "H1'"  H  N N 103 
DG  H8     H  N N 104 
DG  H1     H  N N 105 
DG  H21    H  N N 106 
DG  H22    H  N N 107 
DT  OP3    O  N N 108 
DT  P      P  N N 109 
DT  OP1    O  N N 110 
DT  OP2    O  N N 111 
DT  "O5'"  O  N N 112 
DT  "C5'"  C  N N 113 
DT  "C4'"  C  N R 114 
DT  "O4'"  O  N N 115 
DT  "C3'"  C  N S 116 
DT  "O3'"  O  N N 117 
DT  "C2'"  C  N N 118 
DT  "C1'"  C  N R 119 
DT  N1     N  N N 120 
DT  C2     C  N N 121 
DT  O2     O  N N 122 
DT  N3     N  N N 123 
DT  C4     C  N N 124 
DT  O4     O  N N 125 
DT  C5     C  N N 126 
DT  C7     C  N N 127 
DT  C6     C  N N 128 
DT  HOP3   H  N N 129 
DT  HOP2   H  N N 130 
DT  "H5'"  H  N N 131 
DT  "H5''" H  N N 132 
DT  "H4'"  H  N N 133 
DT  "H3'"  H  N N 134 
DT  "HO3'" H  N N 135 
DT  "H2'"  H  N N 136 
DT  "H2''" H  N N 137 
DT  "H1'"  H  N N 138 
DT  H3     H  N N 139 
DT  H71    H  N N 140 
DT  H72    H  N N 141 
DT  H73    H  N N 142 
DT  H6     H  N N 143 
EDC OP3    O  N N 144 
EDC P      P  N N 145 
EDC N1     N  N N 146 
EDC C2     C  N N 147 
EDC O2     O  N N 148 
EDC N3     N  Y N 149 
EDC C4     C  Y N 150 
EDC N4     N  Y N 151 
EDC C5     C  N N 152 
EDC C6     C  N N 153 
EDC C7     C  Y N 154 
EDC C8     C  Y N 155 
EDC "C1'"  C  N R 156 
EDC "C2'"  C  N N 157 
EDC "C3'"  C  N S 158 
EDC "O3'"  O  N N 159 
EDC "C4'"  C  N R 160 
EDC "O4'"  O  N N 161 
EDC "C5'"  C  N N 162 
EDC "O5'"  O  N N 163 
EDC OP1    O  N N 164 
EDC OP2    O  N N 165 
EDC HOP3   H  N N 166 
EDC H5     H  N N 167 
EDC H6     H  N N 168 
EDC H7     H  N N 169 
EDC H8     H  N N 170 
EDC "H1'"  H  N N 171 
EDC "H2'"  H  N N 172 
EDC "H2''" H  N N 173 
EDC "H3'"  H  N N 174 
EDC "HO3'" H  N N 175 
EDC "H4'"  H  N N 176 
EDC "H5'"  H  N N 177 
EDC "H5''" H  N N 178 
EDC HOP2   H  N N 179 
HOH O      O  N N 180 
HOH H1     H  N N 181 
HOH H2     H  N N 182 
NA  NA     NA N N 183 
# 
loop_
_chem_comp_bond.comp_id 
_chem_comp_bond.atom_id_1 
_chem_comp_bond.atom_id_2 
_chem_comp_bond.value_order 
_chem_comp_bond.pdbx_aromatic_flag 
_chem_comp_bond.pdbx_stereo_config 
_chem_comp_bond.pdbx_ordinal 
DA  OP3   P      sing N N 1   
DA  OP3   HOP3   sing N N 2   
DA  P     OP1    doub N N 3   
DA  P     OP2    sing N N 4   
DA  P     "O5'"  sing N N 5   
DA  OP2   HOP2   sing N N 6   
DA  "O5'" "C5'"  sing N N 7   
DA  "C5'" "C4'"  sing N N 8   
DA  "C5'" "H5'"  sing N N 9   
DA  "C5'" "H5''" sing N N 10  
DA  "C4'" "O4'"  sing N N 11  
DA  "C4'" "C3'"  sing N N 12  
DA  "C4'" "H4'"  sing N N 13  
DA  "O4'" "C1'"  sing N N 14  
DA  "C3'" "O3'"  sing N N 15  
DA  "C3'" "C2'"  sing N N 16  
DA  "C3'" "H3'"  sing N N 17  
DA  "O3'" "HO3'" sing N N 18  
DA  "C2'" "C1'"  sing N N 19  
DA  "C2'" "H2'"  sing N N 20  
DA  "C2'" "H2''" sing N N 21  
DA  "C1'" N9     sing N N 22  
DA  "C1'" "H1'"  sing N N 23  
DA  N9    C8     sing Y N 24  
DA  N9    C4     sing Y N 25  
DA  C8    N7     doub Y N 26  
DA  C8    H8     sing N N 27  
DA  N7    C5     sing Y N 28  
DA  C5    C6     sing Y N 29  
DA  C5    C4     doub Y N 30  
DA  C6    N6     sing N N 31  
DA  C6    N1     doub Y N 32  
DA  N6    H61    sing N N 33  
DA  N6    H62    sing N N 34  
DA  N1    C2     sing Y N 35  
DA  C2    N3     doub Y N 36  
DA  C2    H2     sing N N 37  
DA  N3    C4     sing Y N 38  
DC  OP3   P      sing N N 39  
DC  OP3   HOP3   sing N N 40  
DC  P     OP1    doub N N 41  
DC  P     OP2    sing N N 42  
DC  P     "O5'"  sing N N 43  
DC  OP2   HOP2   sing N N 44  
DC  "O5'" "C5'"  sing N N 45  
DC  "C5'" "C4'"  sing N N 46  
DC  "C5'" "H5'"  sing N N 47  
DC  "C5'" "H5''" sing N N 48  
DC  "C4'" "O4'"  sing N N 49  
DC  "C4'" "C3'"  sing N N 50  
DC  "C4'" "H4'"  sing N N 51  
DC  "O4'" "C1'"  sing N N 52  
DC  "C3'" "O3'"  sing N N 53  
DC  "C3'" "C2'"  sing N N 54  
DC  "C3'" "H3'"  sing N N 55  
DC  "O3'" "HO3'" sing N N 56  
DC  "C2'" "C1'"  sing N N 57  
DC  "C2'" "H2'"  sing N N 58  
DC  "C2'" "H2''" sing N N 59  
DC  "C1'" N1     sing N N 60  
DC  "C1'" "H1'"  sing N N 61  
DC  N1    C2     sing N N 62  
DC  N1    C6     sing N N 63  
DC  C2    O2     doub N N 64  
DC  C2    N3     sing N N 65  
DC  N3    C4     doub N N 66  
DC  C4    N4     sing N N 67  
DC  C4    C5     sing N N 68  
DC  N4    H41    sing N N 69  
DC  N4    H42    sing N N 70  
DC  C5    C6     doub N N 71  
DC  C5    H5     sing N N 72  
DC  C6    H6     sing N N 73  
DG  OP3   P      sing N N 74  
DG  OP3   HOP3   sing N N 75  
DG  P     OP1    doub N N 76  
DG  P     OP2    sing N N 77  
DG  P     "O5'"  sing N N 78  
DG  OP2   HOP2   sing N N 79  
DG  "O5'" "C5'"  sing N N 80  
DG  "C5'" "C4'"  sing N N 81  
DG  "C5'" "H5'"  sing N N 82  
DG  "C5'" "H5''" sing N N 83  
DG  "C4'" "O4'"  sing N N 84  
DG  "C4'" "C3'"  sing N N 85  
DG  "C4'" "H4'"  sing N N 86  
DG  "O4'" "C1'"  sing N N 87  
DG  "C3'" "O3'"  sing N N 88  
DG  "C3'" "C2'"  sing N N 89  
DG  "C3'" "H3'"  sing N N 90  
DG  "O3'" "HO3'" sing N N 91  
DG  "C2'" "C1'"  sing N N 92  
DG  "C2'" "H2'"  sing N N 93  
DG  "C2'" "H2''" sing N N 94  
DG  "C1'" N9     sing N N 95  
DG  "C1'" "H1'"  sing N N 96  
DG  N9    C8     sing Y N 97  
DG  N9    C4     sing Y N 98  
DG  C8    N7     doub Y N 99  
DG  C8    H8     sing N N 100 
DG  N7    C5     sing Y N 101 
DG  C5    C6     sing N N 102 
DG  C5    C4     doub Y N 103 
DG  C6    O6     doub N N 104 
DG  C6    N1     sing N N 105 
DG  N1    C2     sing N N 106 
DG  N1    H1     sing N N 107 
DG  C2    N2     sing N N 108 
DG  C2    N3     doub N N 109 
DG  N2    H21    sing N N 110 
DG  N2    H22    sing N N 111 
DG  N3    C4     sing N N 112 
DT  OP3   P      sing N N 113 
DT  OP3   HOP3   sing N N 114 
DT  P     OP1    doub N N 115 
DT  P     OP2    sing N N 116 
DT  P     "O5'"  sing N N 117 
DT  OP2   HOP2   sing N N 118 
DT  "O5'" "C5'"  sing N N 119 
DT  "C5'" "C4'"  sing N N 120 
DT  "C5'" "H5'"  sing N N 121 
DT  "C5'" "H5''" sing N N 122 
DT  "C4'" "O4'"  sing N N 123 
DT  "C4'" "C3'"  sing N N 124 
DT  "C4'" "H4'"  sing N N 125 
DT  "O4'" "C1'"  sing N N 126 
DT  "C3'" "O3'"  sing N N 127 
DT  "C3'" "C2'"  sing N N 128 
DT  "C3'" "H3'"  sing N N 129 
DT  "O3'" "HO3'" sing N N 130 
DT  "C2'" "C1'"  sing N N 131 
DT  "C2'" "H2'"  sing N N 132 
DT  "C2'" "H2''" sing N N 133 
DT  "C1'" N1     sing N N 134 
DT  "C1'" "H1'"  sing N N 135 
DT  N1    C2     sing N N 136 
DT  N1    C6     sing N N 137 
DT  C2    O2     doub N N 138 
DT  C2    N3     sing N N 139 
DT  N3    C4     sing N N 140 
DT  N3    H3     sing N N 141 
DT  C4    O4     doub N N 142 
DT  C4    C5     sing N N 143 
DT  C5    C7     sing N N 144 
DT  C5    C6     doub N N 145 
DT  C7    H71    sing N N 146 
DT  C7    H72    sing N N 147 
DT  C7    H73    sing N N 148 
DT  C6    H6     sing N N 149 
EDC P     OP3    sing N N 150 
EDC OP3   HOP3   sing N N 151 
EDC OP1   P      doub N N 152 
EDC "O5'" P      sing N N 153 
EDC P     OP2    sing N N 154 
EDC C2    N1     sing N N 155 
EDC N1    "C1'"  sing N N 156 
EDC N1    C6     sing N N 157 
EDC O2    C2     doub N N 158 
EDC N3    C2     sing N N 159 
EDC C8    N3     sing Y N 160 
EDC N3    C4     sing Y N 161 
EDC N4    C4     doub Y N 162 
EDC C4    C5     sing N N 163 
EDC C7    N4     sing Y N 164 
EDC C5    C6     doub N N 165 
EDC C5    H5     sing N N 166 
EDC C6    H6     sing N N 167 
EDC C8    C7     doub Y N 168 
EDC C7    H7     sing N N 169 
EDC C8    H8     sing N N 170 
EDC "C1'" "C2'"  sing N N 171 
EDC "C1'" "O4'"  sing N N 172 
EDC "C1'" "H1'"  sing N N 173 
EDC "C2'" "C3'"  sing N N 174 
EDC "C2'" "H2'"  sing N N 175 
EDC "C2'" "H2''" sing N N 176 
EDC "O3'" "C3'"  sing N N 177 
EDC "C3'" "C4'"  sing N N 178 
EDC "C3'" "H3'"  sing N N 179 
EDC "O3'" "HO3'" sing N N 180 
EDC "O4'" "C4'"  sing N N 181 
EDC "C4'" "C5'"  sing N N 182 
EDC "C4'" "H4'"  sing N N 183 
EDC "O5'" "C5'"  sing N N 184 
EDC "C5'" "H5'"  sing N N 185 
EDC "C5'" "H5''" sing N N 186 
EDC OP2   HOP2   sing N N 187 
HOH O     H1     sing N N 188 
HOH O     H2     sing N N 189 
# 
loop_
_ndb_struct_conf_na.entry_id 
_ndb_struct_conf_na.feature 
1N5C 'double helix'         
1N5C 'b-form double helix'  
1N5C 'mismatched base pair' 
# 
loop_
_ndb_struct_na_base_pair.model_number 
_ndb_struct_na_base_pair.i_label_asym_id 
_ndb_struct_na_base_pair.i_label_comp_id 
_ndb_struct_na_base_pair.i_label_seq_id 
_ndb_struct_na_base_pair.i_symmetry 
_ndb_struct_na_base_pair.j_label_asym_id 
_ndb_struct_na_base_pair.j_label_comp_id 
_ndb_struct_na_base_pair.j_label_seq_id 
_ndb_struct_na_base_pair.j_symmetry 
_ndb_struct_na_base_pair.shear 
_ndb_struct_na_base_pair.stretch 
_ndb_struct_na_base_pair.stagger 
_ndb_struct_na_base_pair.buckle 
_ndb_struct_na_base_pair.propeller 
_ndb_struct_na_base_pair.opening 
_ndb_struct_na_base_pair.pair_number 
_ndb_struct_na_base_pair.pair_name 
_ndb_struct_na_base_pair.i_auth_asym_id 
_ndb_struct_na_base_pair.i_auth_seq_id 
_ndb_struct_na_base_pair.i_PDB_ins_code 
_ndb_struct_na_base_pair.j_auth_asym_id 
_ndb_struct_na_base_pair.j_auth_seq_id 
_ndb_struct_na_base_pair.j_PDB_ins_code 
_ndb_struct_na_base_pair.hbond_type_28 
_ndb_struct_na_base_pair.hbond_type_12 
1 A DG 2  1_555 A DC 11 5_655 -0.224 0.013  0.112  -14.509 -2.925  -4.822 1 A_DG14:DC23_A A 14 ? A 23 ? 19 1 
1 A DC 3  1_555 A DG 10 5_655 0.149  0.015  0.564  -12.906 6.485   1.258  2 A_DC15:DG22_A A 15 ? A 22 ? 19 1 
1 A DA 5  1_555 A DT 8  5_655 -0.166 -0.153 -0.523 -0.075  -19.451 11.324 3 A_DA17:DT20_A A 17 ? A 20 ? 20 1 
1 A DA 6  1_555 A DT 7  5_655 0.090  0.058  0.011  -3.036  -18.457 5.671  4 A_DA18:DT19_A A 18 ? A 19 ? 20 1 
1 A DT 7  1_555 A DA 6  5_655 -0.090 0.058  0.011  3.036   -18.457 5.671  5 A_DT19:DA18_A A 19 ? A 18 ? 20 1 
1 A DT 8  1_555 A DA 5  5_655 0.166  -0.153 -0.523 0.075   -19.451 11.324 6 A_DT20:DA17_A A 20 ? A 17 ? 20 1 
1 A DG 10 1_555 A DC 3  5_655 -0.149 0.015  0.564  12.906  6.485   1.258  7 A_DG22:DC15_A A 22 ? A 15 ? 19 1 
1 A DC 11 1_555 A DG 2  5_655 0.224  0.013  0.112  14.509  -2.925  -4.822 8 A_DC23:DG14_A A 23 ? A 14 ? 19 1 
# 
loop_
_ndb_struct_na_base_pair_step.model_number 
_ndb_struct_na_base_pair_step.i_label_asym_id_1 
_ndb_struct_na_base_pair_step.i_label_comp_id_1 
_ndb_struct_na_base_pair_step.i_label_seq_id_1 
_ndb_struct_na_base_pair_step.i_symmetry_1 
_ndb_struct_na_base_pair_step.j_label_asym_id_1 
_ndb_struct_na_base_pair_step.j_label_comp_id_1 
_ndb_struct_na_base_pair_step.j_label_seq_id_1 
_ndb_struct_na_base_pair_step.j_symmetry_1 
_ndb_struct_na_base_pair_step.i_label_asym_id_2 
_ndb_struct_na_base_pair_step.i_label_comp_id_2 
_ndb_struct_na_base_pair_step.i_label_seq_id_2 
_ndb_struct_na_base_pair_step.i_symmetry_2 
_ndb_struct_na_base_pair_step.j_label_asym_id_2 
_ndb_struct_na_base_pair_step.j_label_comp_id_2 
_ndb_struct_na_base_pair_step.j_label_seq_id_2 
_ndb_struct_na_base_pair_step.j_symmetry_2 
_ndb_struct_na_base_pair_step.shift 
_ndb_struct_na_base_pair_step.slide 
_ndb_struct_na_base_pair_step.rise 
_ndb_struct_na_base_pair_step.tilt 
_ndb_struct_na_base_pair_step.roll 
_ndb_struct_na_base_pair_step.twist 
_ndb_struct_na_base_pair_step.x_displacement 
_ndb_struct_na_base_pair_step.y_displacement 
_ndb_struct_na_base_pair_step.helical_rise 
_ndb_struct_na_base_pair_step.inclination 
_ndb_struct_na_base_pair_step.tip 
_ndb_struct_na_base_pair_step.helical_twist 
_ndb_struct_na_base_pair_step.step_number 
_ndb_struct_na_base_pair_step.step_name 
_ndb_struct_na_base_pair_step.i_auth_asym_id_1 
_ndb_struct_na_base_pair_step.i_auth_seq_id_1 
_ndb_struct_na_base_pair_step.i_PDB_ins_code_1 
_ndb_struct_na_base_pair_step.j_auth_asym_id_1 
_ndb_struct_na_base_pair_step.j_auth_seq_id_1 
_ndb_struct_na_base_pair_step.j_PDB_ins_code_1 
_ndb_struct_na_base_pair_step.i_auth_asym_id_2 
_ndb_struct_na_base_pair_step.i_auth_seq_id_2 
_ndb_struct_na_base_pair_step.i_PDB_ins_code_2 
_ndb_struct_na_base_pair_step.j_auth_asym_id_2 
_ndb_struct_na_base_pair_step.j_auth_seq_id_2 
_ndb_struct_na_base_pair_step.j_PDB_ins_code_2 
1 A DG 2  1_555 A DC 11 5_655 A DC 3  1_555 A DG 10 5_655 0.918  0.264  3.510 -4.126 -5.741 35.100 1.298  -2.118 3.301 -9.402 
6.756  35.783 1 AA_DG14DC15:DG22DC23_AA A 14 ? A 23 ? A 15 ? A 22 ? 
1 A DC 3  1_555 A DG 10 5_655 A DA 5  1_555 A DT 8  5_655 -0.514 0.174  6.388 4.020  8.038  66.602 -0.454 0.771  6.334 7.286  
-3.644 67.136 2 AA_DC15DA17:DT20DG22_AA A 15 ? A 22 ? A 17 ? A 20 ? 
1 A DA 5  1_555 A DT 8  5_655 A DA 6  1_555 A DT 7  5_655 -0.119 -0.096 3.385 -4.757 -5.112 37.088 0.540  -0.455 3.357 -7.950 
7.398  37.717 3 AA_DA17DA18:DT19DT20_AA A 17 ? A 20 ? A 18 ? A 19 ? 
1 A DA 6  1_555 A DT 7  5_655 A DT 7  1_555 A DA 6  5_655 0.000  -0.512 3.045 0.000  -2.480 35.195 -0.500 0.000  3.073 -4.095 
0.000  35.280 4 AA_DA18DT19:DA18DT19_AA A 18 ? A 19 ? A 19 ? A 18 ? 
1 A DT 7  1_555 A DA 6  5_655 A DT 8  1_555 A DA 5  5_655 0.119  -0.096 3.385 4.757  -5.112 37.088 0.540  0.455  3.357 -7.950 
-7.398 37.717 5 AA_DT19DT20:DA17DA18_AA A 19 ? A 18 ? A 20 ? A 17 ? 
1 A DT 8  1_555 A DA 5  5_655 A DG 10 1_555 A DC 3  5_655 0.514  0.174  6.388 -4.020 8.038  66.602 -0.454 -0.771 6.334 7.286  
3.644  67.136 6 AA_DT20DG22:DC15DA17_AA A 20 ? A 17 ? A 22 ? A 15 ? 
1 A DG 10 1_555 A DC 3  5_655 A DC 11 1_555 A DG 2  5_655 -0.918 0.264  3.510 4.126  -5.741 35.100 1.298  2.118  3.301 -9.402 
-6.756 35.783 7 AA_DG22DC23:DG14DC15_AA A 22 ? A 15 ? A 23 ? A 14 ? 
# 
_pdbx_initial_refinement_model.accession_code   1EHV 
_pdbx_initial_refinement_model.id               1 
_pdbx_initial_refinement_model.entity_id_list   ? 
_pdbx_initial_refinement_model.type             'experimental model' 
_pdbx_initial_refinement_model.source_name      PDB 
_pdbx_initial_refinement_model.details          'NDB ENTRY BD0032' 
# 
_atom_sites.entry_id                    1N5C 
_atom_sites.fract_transf_matrix[1][1]   -0.04201191 
_atom_sites.fract_transf_matrix[1][2]   0.00267094 
_atom_sites.fract_transf_matrix[1][3]   -0.00974541 
_atom_sites.fract_transf_matrix[2][1]   -0.01675943 
_atom_sites.fract_transf_matrix[2][2]   0.03755829 
_atom_sites.fract_transf_matrix[2][3]   -0.01325142 
_atom_sites.fract_transf_matrix[3][1]   0.00201366 
_atom_sites.fract_transf_matrix[3][2]   -0.00239592 
_atom_sites.fract_transf_matrix[3][3]   -0.00933744 
_atom_sites.fract_transf_vector[1]      1.082595 
_atom_sites.fract_transf_vector[2]      1.057496 
_atom_sites.fract_transf_vector[3]      0.329537 
# 
loop_
_atom_type.symbol 
C  
N  
NA 
O  
P  
# 
loop_
_atom_site.group_PDB 
_atom_site.id 
_atom_site.type_symbol 
_atom_site.label_atom_id 
_atom_site.label_alt_id 
_atom_site.label_comp_id 
_atom_site.label_asym_id 
_atom_site.label_entity_id 
_atom_site.label_seq_id 
_atom_site.pdbx_PDB_ins_code 
_atom_site.Cartn_x 
_atom_site.Cartn_y 
_atom_site.Cartn_z 
_atom_site.occupancy 
_atom_site.B_iso_or_equiv 
_atom_site.pdbx_formal_charge 
_atom_site.auth_seq_id 
_atom_site.auth_comp_id 
_atom_site.auth_asym_id 
_atom_site.auth_atom_id 
_atom_site.pdbx_PDB_model_num 
ATOM   1   O  "O5'" . DC  A 1 1  ? -13.344 6.402   10.916  1.00 49.59 ? 13   DC  A "O5'" 1 
ATOM   2   C  "C5'" . DC  A 1 1  ? -12.241 5.575   11.325  1.00 51.58 ? 13   DC  A "C5'" 1 
ATOM   3   C  "C4'" . DC  A 1 1  ? -12.606 4.805   12.574  1.00 59.09 ? 13   DC  A "C4'" 1 
ATOM   4   O  "O4'" . DC  A 1 1  ? -13.828 4.066   12.361  1.00 55.34 ? 13   DC  A "O4'" 1 
ATOM   5   C  "C3'" . DC  A 1 1  ? -11.561 3.778   12.998  1.00 54.58 ? 13   DC  A "C3'" 1 
ATOM   6   O  "O3'" . DC  A 1 1  ? -11.240 3.957   14.383  1.00 54.81 ? 13   DC  A "O3'" 1 
ATOM   7   C  "C2'" . DC  A 1 1  ? -12.204 2.453   12.700  1.00 48.20 ? 13   DC  A "C2'" 1 
ATOM   8   C  "C1'" . DC  A 1 1  ? -13.702 2.722   12.824  1.00 41.99 ? 13   DC  A "C1'" 1 
ATOM   9   N  N1    . DC  A 1 1  ? -14.651 1.938   12.015  1.00 54.14 ? 13   DC  A N1    1 
ATOM   10  C  C2    . DC  A 1 1  ? -15.962 1.755   12.482  1.00 59.55 ? 13   DC  A C2    1 
ATOM   11  O  O2    . DC  A 1 1  ? -16.379 2.218   13.556  1.00 38.97 ? 13   DC  A O2    1 
ATOM   12  N  N3    . DC  A 1 1  ? -16.823 1.031   11.723  1.00 61.76 ? 13   DC  A N3    1 
ATOM   13  C  C4    . DC  A 1 1  ? -16.483 0.491   10.560  1.00 65.55 ? 13   DC  A C4    1 
ATOM   14  N  N4    . DC  A 1 1  ? -17.391 -0.204  9.880   1.00 75.91 ? 13   DC  A N4    1 
ATOM   15  C  C5    . DC  A 1 1  ? -15.159 0.660   10.055  1.00 66.64 ? 13   DC  A C5    1 
ATOM   16  C  C6    . DC  A 1 1  ? -14.319 1.373   10.807  1.00 63.09 ? 13   DC  A C6    1 
ATOM   17  P  P     . DG  A 1 2  ? -9.690  3.867   14.858  1.00 53.73 ? 14   DG  A P     1 
ATOM   18  O  OP1   . DG  A 1 2  ? -9.110  2.655   14.247  1.00 43.63 ? 14   DG  A OP1   1 
ATOM   19  O  OP2   . DG  A 1 2  ? -9.691  4.070   16.328  1.00 48.33 ? 14   DG  A OP2   1 
ATOM   20  O  "O5'" . DG  A 1 2  ? -9.045  5.147   14.190  1.00 48.55 ? 14   DG  A "O5'" 1 
ATOM   21  C  "C5'" . DG  A 1 2  ? -9.208  6.453   14.770  1.00 40.33 ? 14   DG  A "C5'" 1 
ATOM   22  C  "C4'" . DG  A 1 2  ? -8.421  7.423   13.930  1.00 34.24 ? 14   DG  A "C4'" 1 
ATOM   23  O  "O4'" . DG  A 1 2  ? -7.026  7.076   13.949  1.00 35.45 ? 14   DG  A "O4'" 1 
ATOM   24  C  "C3'" . DG  A 1 2  ? -8.839  7.422   12.461  1.00 30.85 ? 14   DG  A "C3'" 1 
ATOM   25  O  "O3'" . DG  A 1 2  ? -8.745  8.751   11.971  1.00 41.42 ? 14   DG  A "O3'" 1 
ATOM   26  C  "C2'" . DG  A 1 2  ? -7.888  6.398   11.866  1.00 31.36 ? 14   DG  A "C2'" 1 
ATOM   27  C  "C1'" . DG  A 1 2  ? -6.607  6.616   12.634  1.00 27.80 ? 14   DG  A "C1'" 1 
ATOM   28  N  N9    . DG  A 1 2  ? -5.737  5.495   12.993  1.00 28.75 ? 14   DG  A N9    1 
ATOM   29  C  C8    . DG  A 1 2  ? -6.067  4.186   13.246  1.00 36.39 ? 14   DG  A C8    1 
ATOM   30  N  N7    . DG  A 1 2  ? -5.053  3.430   13.541  1.00 34.38 ? 14   DG  A N7    1 
ATOM   31  C  C5    . DG  A 1 2  ? -3.964  4.288   13.484  1.00 36.43 ? 14   DG  A C5    1 
ATOM   32  C  C6    . DG  A 1 2  ? -2.590  4.009   13.719  1.00 45.94 ? 14   DG  A C6    1 
ATOM   33  O  O6    . DG  A 1 2  ? -2.026  2.940   14.028  1.00 40.03 ? 14   DG  A O6    1 
ATOM   34  N  N1    . DG  A 1 2  ? -1.827  5.158   13.556  1.00 38.02 ? 14   DG  A N1    1 
ATOM   35  C  C2    . DG  A 1 2  ? -2.300  6.398   13.218  1.00 35.50 ? 14   DG  A C2    1 
ATOM   36  N  N2    . DG  A 1 2  ? -1.371  7.371   13.116  1.00 30.72 ? 14   DG  A N2    1 
ATOM   37  N  N3    . DG  A 1 2  ? -3.581  6.660   13.000  1.00 41.28 ? 14   DG  A N3    1 
ATOM   38  C  C4    . DG  A 1 2  ? -4.362  5.562   13.149  1.00 39.11 ? 14   DG  A C4    1 
ATOM   39  P  P     . DC  A 1 3  ? -9.142  9.223   10.492  1.00 48.95 ? 15   DC  A P     1 
ATOM   40  O  OP1   . DC  A 1 3  ? -9.584  10.634  10.578  1.00 48.15 ? 15   DC  A OP1   1 
ATOM   41  O  OP2   . DC  A 1 3  ? -9.991  8.189   9.885   1.00 49.48 ? 15   DC  A OP2   1 
ATOM   42  O  "O5'" . DC  A 1 3  ? -7.711  9.195   9.754   1.00 38.69 ? 15   DC  A "O5'" 1 
ATOM   43  C  "C5'" . DC  A 1 3  ? -6.731  10.159  10.136  1.00 38.86 ? 15   DC  A "C5'" 1 
ATOM   44  C  "C4'" . DC  A 1 3  ? -5.330  9.739   9.771   1.00 34.35 ? 15   DC  A "C4'" 1 
ATOM   45  O  "O4'" . DC  A 1 3  ? -4.931  8.462   10.301  1.00 36.19 ? 15   DC  A "O4'" 1 
ATOM   46  C  "C3'" . DC  A 1 3  ? -5.169  9.608   8.243   1.00 30.33 ? 15   DC  A "C3'" 1 
ATOM   47  O  "O3'" . DC  A 1 3  ? -4.640  10.842  7.767   1.00 43.98 ? 15   DC  A "O3'" 1 
ATOM   48  C  "C2'" . DC  A 1 3  ? -4.277  8.427   8.051   1.00 36.81 ? 15   DC  A "C2'" 1 
ATOM   49  C  "C1'" . DC  A 1 3  ? -3.907  7.939   9.441   1.00 34.25 ? 15   DC  A "C1'" 1 
ATOM   50  N  N1    . DC  A 1 3  ? -3.868  6.485   9.607   1.00 26.32 ? 15   DC  A N1    1 
ATOM   51  C  C2    . DC  A 1 3  ? -2.637  5.860   9.782   1.00 34.18 ? 15   DC  A C2    1 
ATOM   52  O  O2    . DC  A 1 3  ? -1.624  6.583   9.786   1.00 43.35 ? 15   DC  A O2    1 
ATOM   53  N  N3    . DC  A 1 3  ? -2.570  4.515   9.934   1.00 33.65 ? 15   DC  A N3    1 
ATOM   54  C  C4    . DC  A 1 3  ? -3.696  3.801   9.921   1.00 35.71 ? 15   DC  A C4    1 
ATOM   55  N  N4    . DC  A 1 3  ? -3.611  2.483   10.078  1.00 33.07 ? 15   DC  A N4    1 
ATOM   56  C  C5    . DC  A 1 3  ? -4.972  4.406   9.746   1.00 43.64 ? 15   DC  A C5    1 
ATOM   57  C  C6    . DC  A 1 3  ? -5.009  5.734   9.594   1.00 41.22 ? 15   DC  A C6    1 
ATOM   58  P  P     . DG  A 1 4  ? -4.617  11.282  6.217   1.00 47.61 ? 16   DG  A P     1 
ATOM   59  O  OP1   . DG  A 1 4  ? -4.996  12.694  6.133   1.00 47.48 ? 16   DG  A OP1   1 
ATOM   60  O  OP2   . DG  A 1 4  ? -5.348  10.230  5.450   1.00 43.58 ? 16   DG  A OP2   1 
ATOM   61  O  "O5'" . DG  A 1 4  ? -3.059  11.109  5.879   1.00 41.27 ? 16   DG  A "O5'" 1 
ATOM   62  C  "C5'" . DG  A 1 4  ? -2.055  11.851  6.569   1.00 45.99 ? 16   DG  A "C5'" 1 
ATOM   63  C  "C4'" . DG  A 1 4  ? -0.708  11.171  6.519   1.00 43.30 ? 16   DG  A "C4'" 1 
ATOM   64  O  "O4'" . DG  A 1 4  ? -0.862  9.801   6.976   1.00 47.67 ? 16   DG  A "O4'" 1 
ATOM   65  C  "C3'" . DG  A 1 4  ? -0.052  11.079  5.145   1.00 40.05 ? 16   DG  A "C3'" 1 
ATOM   66  O  "O3'" . DG  A 1 4  ? 1.352   11.323  5.221   1.00 51.36 ? 16   DG  A "O3'" 1 
ATOM   67  C  "C2'" . DG  A 1 4  ? -0.338  9.678   4.698   1.00 36.71 ? 16   DG  A "C2'" 1 
ATOM   68  C  "C1'" . DG  A 1 4  ? -0.304  8.916   6.020   1.00 41.87 ? 16   DG  A "C1'" 1 
ATOM   69  N  N9    . DG  A 1 4  ? -1.087  7.671   6.038   1.00 47.62 ? 16   DG  A N9    1 
ATOM   70  C  C8    . DG  A 1 4  ? -2.344  7.398   5.549   1.00 36.92 ? 16   DG  A C8    1 
ATOM   71  N  N7    . DG  A 1 4  ? -2.708  6.164   5.753   1.00 37.01 ? 16   DG  A N7    1 
ATOM   72  C  C5    . DG  A 1 4  ? -1.641  5.572   6.414   1.00 30.22 ? 16   DG  A C5    1 
ATOM   73  C  C6    . DG  A 1 4  ? -1.437  4.262   6.898   1.00 28.68 ? 16   DG  A C6    1 
ATOM   74  O  O6    . DG  A 1 4  ? -2.164  3.257   6.870   1.00 37.87 ? 16   DG  A O6    1 
ATOM   75  N  N1    . DG  A 1 4  ? -0.193  4.151   7.495   1.00 36.32 ? 16   DG  A N1    1 
ATOM   76  C  C2    . DG  A 1 4  ? 0.749   5.136   7.627   1.00 43.40 ? 16   DG  A C2    1 
ATOM   77  N  N2    . DG  A 1 4  ? 1.897   4.821   8.242   1.00 39.24 ? 16   DG  A N2    1 
ATOM   78  N  N3    . DG  A 1 4  ? 0.572   6.370   7.179   1.00 42.04 ? 16   DG  A N3    1 
ATOM   79  C  C4    . DG  A 1 4  ? -0.635  6.489   6.595   1.00 37.04 ? 16   DG  A C4    1 
ATOM   80  P  P     . DA  A 1 5  ? 2.280   11.262  3.902   1.00 51.92 ? 17   DA  A P     1 
ATOM   81  O  OP1   . DA  A 1 5  ? 2.904   12.604  3.759   1.00 46.35 ? 17   DA  A OP1   1 
ATOM   82  O  OP2   . DA  A 1 5  ? 1.428   10.735  2.800   1.00 61.11 ? 17   DA  A OP2   1 
ATOM   83  O  "O5'" . DA  A 1 5  ? 3.410   10.201  4.199   1.00 50.01 ? 17   DA  A "O5'" 1 
ATOM   84  C  "C5'" . DA  A 1 5  ? 3.563   9.544   5.457   1.00 52.02 ? 17   DA  A "C5'" 1 
ATOM   85  C  "C4'" . DA  A 1 5  ? 4.790   8.674   5.492   1.00 54.68 ? 17   DA  A "C4'" 1 
ATOM   86  O  "O4'" . DA  A 1 5  ? 4.383   7.294   5.691   1.00 45.68 ? 17   DA  A "O4'" 1 
ATOM   87  C  "C3'" . DA  A 1 5  ? 5.649   8.619   4.232   1.00 54.44 ? 17   DA  A "C3'" 1 
ATOM   88  O  "O3'" . DA  A 1 5  ? 6.998   8.282   4.556   1.00 52.55 ? 17   DA  A "O3'" 1 
ATOM   89  C  "C2'" . DA  A 1 5  ? 4.955   7.573   3.407   1.00 51.44 ? 17   DA  A "C2'" 1 
ATOM   90  C  "C1'" . DA  A 1 5  ? 4.433   6.594   4.448   1.00 48.52 ? 17   DA  A "C1'" 1 
ATOM   91  N  N9    . DA  A 1 5  ? 3.074   6.075   4.203   1.00 41.22 ? 17   DA  A N9    1 
ATOM   92  C  C8    . DA  A 1 5  ? 1.985   6.736   3.699   1.00 44.23 ? 17   DA  A C8    1 
ATOM   93  N  N7    . DA  A 1 5  ? 0.901   5.994   3.600   1.00 39.14 ? 17   DA  A N7    1 
ATOM   94  C  C5    . DA  A 1 5  ? 1.320   4.756   4.078   1.00 31.43 ? 17   DA  A C5    1 
ATOM   95  C  C6    . DA  A 1 5  ? 0.636   3.535   4.234   1.00 33.54 ? 17   DA  A C6    1 
ATOM   96  N  N6    . DA  A 1 5  ? -0.644  3.372   3.910   1.00 35.60 ? 17   DA  A N6    1 
ATOM   97  N  N1    . DA  A 1 5  ? 1.317   2.489   4.735   1.00 37.25 ? 17   DA  A N1    1 
ATOM   98  C  C2    . DA  A 1 5  ? 2.613   2.679   5.053   1.00 47.85 ? 17   DA  A C2    1 
ATOM   99  N  N3    . DA  A 1 5  ? 3.375   3.770   4.958   1.00 36.84 ? 17   DA  A N3    1 
ATOM   100 C  C4    . DA  A 1 5  ? 2.651   4.790   4.454   1.00 36.66 ? 17   DA  A C4    1 
ATOM   101 P  P     . DA  A 1 6  ? 8.102   8.047   3.394   1.00 57.61 ? 18   DA  A P     1 
ATOM   102 O  OP1   . DA  A 1 6  ? 9.420   8.407   3.971   1.00 59.47 ? 18   DA  A OP1   1 
ATOM   103 O  OP2   . DA  A 1 6  ? 7.605   8.713   2.165   1.00 56.85 ? 18   DA  A OP2   1 
ATOM   104 O  "O5'" . DA  A 1 6  ? 8.078   6.473   3.159   1.00 56.16 ? 18   DA  A "O5'" 1 
ATOM   105 C  "C5'" . DA  A 1 6  ? 8.616   5.561   4.122   1.00 52.59 ? 18   DA  A "C5'" 1 
ATOM   106 C  "C4'" . DA  A 1 6  ? 8.259   4.138   3.766   1.00 42.11 ? 18   DA  A "C4'" 1 
ATOM   107 O  "O4'" . DA  A 1 6  ? 6.826   4.017   3.628   1.00 33.82 ? 18   DA  A "O4'" 1 
ATOM   108 C  "C3'" . DA  A 1 6  ? 8.879   3.635   2.453   1.00 40.90 ? 18   DA  A "C3'" 1 
ATOM   109 O  "O3'" . DA  A 1 6  ? 9.783   2.574   2.747   1.00 40.20 ? 18   DA  A "O3'" 1 
ATOM   110 C  "C2'" . DA  A 1 6  ? 7.719   3.202   1.606   1.00 36.49 ? 18   DA  A "C2'" 1 
ATOM   111 C  "C1'" . DA  A 1 6  ? 6.552   3.080   2.586   1.00 41.65 ? 18   DA  A "C1'" 1 
ATOM   112 N  N9    . DA  A 1 6  ? 5.247   3.369   1.986   1.00 39.92 ? 18   DA  A N9    1 
ATOM   113 C  C8    . DA  A 1 6  ? 4.812   4.541   1.421   1.00 35.50 ? 18   DA  A C8    1 
ATOM   114 N  N7    . DA  A 1 6  ? 3.577   4.469   0.971   1.00 42.92 ? 18   DA  A N7    1 
ATOM   115 C  C5    . DA  A 1 6  ? 3.167   3.175   1.255   1.00 40.30 ? 18   DA  A C5    1 
ATOM   116 C  C6    . DA  A 1 6  ? 1.968   2.466   1.038   1.00 38.76 ? 18   DA  A C6    1 
ATOM   117 N  N6    . DA  A 1 6  ? 0.883   2.970   0.450   1.00 37.87 ? 18   DA  A N6    1 
ATOM   118 N  N1    . DA  A 1 6  ? 1.893   1.186   1.446   1.00 44.71 ? 18   DA  A N1    1 
ATOM   119 C  C2    . DA  A 1 6  ? 2.963   0.644   2.041   1.00 45.95 ? 18   DA  A C2    1 
ATOM   120 N  N3    . DA  A 1 6  ? 4.136   1.216   2.296   1.00 40.00 ? 18   DA  A N3    1 
ATOM   121 C  C4    . DA  A 1 6  ? 4.187   2.486   1.882   1.00 32.17 ? 18   DA  A C4    1 
ATOM   122 P  P     . DT  A 1 7  ? 10.677  1.777   1.674   1.00 47.05 ? 19   DT  A P     1 
ATOM   123 O  OP1   . DT  A 1 7  ? 11.810  1.189   2.424   1.00 37.71 ? 19   DT  A OP1   1 
ATOM   124 O  OP2   . DT  A 1 7  ? 10.874  2.642   0.490   1.00 48.61 ? 19   DT  A OP2   1 
ATOM   125 O  "O5'" . DT  A 1 7  ? 9.715   0.554   1.270   1.00 49.14 ? 19   DT  A "O5'" 1 
ATOM   126 C  "C5'" . DT  A 1 7  ? 9.404   -0.376  2.320   1.00 59.03 ? 19   DT  A "C5'" 1 
ATOM   127 C  "C4'" . DT  A 1 7  ? 8.390   -1.382  1.833   1.00 52.46 ? 19   DT  A "C4'" 1 
ATOM   128 O  "O4'" . DT  A 1 7  ? 7.197   -0.686  1.425   1.00 37.48 ? 19   DT  A "O4'" 1 
ATOM   129 C  "C3'" . DT  A 1 7  ? 8.852   -2.201  0.636   1.00 50.25 ? 19   DT  A "C3'" 1 
ATOM   130 O  "O3'" . DT  A 1 7  ? 8.881   -3.591  0.974   1.00 43.37 ? 19   DT  A "O3'" 1 
ATOM   131 C  "C2'" . DT  A 1 7  ? 7.861   -1.896  -0.460  1.00 47.86 ? 19   DT  A "C2'" 1 
ATOM   132 C  "C1'" . DT  A 1 7  ? 6.655   -1.387  0.302   1.00 32.61 ? 19   DT  A "C1'" 1 
ATOM   133 N  N1    . DT  A 1 7  ? 5.795   -0.409  -0.364  1.00 30.61 ? 19   DT  A N1    1 
ATOM   134 C  C2    . DT  A 1 7  ? 4.470   -0.722  -0.556  1.00 30.13 ? 19   DT  A C2    1 
ATOM   135 O  O2    . DT  A 1 7  ? 3.966   -1.773  -0.206  1.00 53.07 ? 19   DT  A O2    1 
ATOM   136 N  N3    . DT  A 1 7  ? 3.753   0.261   -1.186  1.00 44.71 ? 19   DT  A N3    1 
ATOM   137 C  C4    . DT  A 1 7  ? 4.227   1.490   -1.626  1.00 50.67 ? 19   DT  A C4    1 
ATOM   138 O  O4    . DT  A 1 7  ? 3.441   2.255   -2.175  1.00 37.31 ? 19   DT  A O4    1 
ATOM   139 C  C5    . DT  A 1 7  ? 5.629   1.745   -1.385  1.00 43.37 ? 19   DT  A C5    1 
ATOM   140 C  C7    . DT  A 1 7  ? 6.237   3.038   -1.819  1.00 62.09 ? 19   DT  A C7    1 
ATOM   141 C  C6    . DT  A 1 7  ? 6.338   0.794   -0.773  1.00 38.21 ? 19   DT  A C6    1 
ATOM   142 P  P     . DT  A 1 8  ? 9.194   -4.642  -0.211  1.00 50.32 ? 20   DT  A P     1 
ATOM   143 O  OP1   . DT  A 1 8  ? 9.820   -5.834  0.385   1.00 46.78 ? 20   DT  A OP1   1 
ATOM   144 O  OP2   . DT  A 1 8  ? 9.866   -3.881  -1.290  1.00 49.56 ? 20   DT  A OP2   1 
ATOM   145 O  "O5'" . DT  A 1 8  ? 7.721   -5.026  -0.689  1.00 45.33 ? 20   DT  A "O5'" 1 
ATOM   146 C  "C5'" . DT  A 1 8  ? 6.826   -5.671  0.228   1.00 49.97 ? 20   DT  A "C5'" 1 
ATOM   147 C  "C4'" . DT  A 1 8  ? 5.490   -5.911  -0.435  1.00 42.91 ? 20   DT  A "C4'" 1 
ATOM   148 O  "O4'" . DT  A 1 8  ? 5.026   -4.661  -1.000  1.00 44.17 ? 20   DT  A "O4'" 1 
ATOM   149 C  "C3'" . DT  A 1 8  ? 5.531   -6.935  -1.557  1.00 41.19 ? 20   DT  A "C3'" 1 
ATOM   150 O  "O3'" . DT  A 1 8  ? 4.530   -7.936  -1.398  1.00 36.88 ? 20   DT  A "O3'" 1 
ATOM   151 C  "C2'" . DT  A 1 8  ? 5.307   -6.122  -2.820  1.00 49.99 ? 20   DT  A "C2'" 1 
ATOM   152 C  "C1'" . DT  A 1 8  ? 4.498   -4.955  -2.325  1.00 46.52 ? 20   DT  A "C1'" 1 
ATOM   153 N  N1    . DT  A 1 8  ? 4.595   -3.654  -2.990  1.00 34.55 ? 20   DT  A N1    1 
ATOM   154 C  C2    . DT  A 1 8  ? 3.421   -3.044  -3.360  1.00 29.77 ? 20   DT  A C2    1 
ATOM   155 O  O2    . DT  A 1 8  ? 2.336   -3.548  -3.161  1.00 41.88 ? 20   DT  A O2    1 
ATOM   156 N  N3    . DT  A 1 8  ? 3.603   -1.841  -3.966  1.00 33.78 ? 20   DT  A N3    1 
ATOM   157 C  C4    . DT  A 1 8  ? 4.776   -1.167  -4.247  1.00 38.13 ? 20   DT  A C4    1 
ATOM   158 O  O4    . DT  A 1 8  ? 4.700   -0.074  -4.810  1.00 30.37 ? 20   DT  A O4    1 
ATOM   159 C  C5    . DT  A 1 8  ? 5.965   -1.865  -3.830  1.00 42.85 ? 20   DT  A C5    1 
ATOM   160 C  C7    . DT  A 1 8  ? 7.316   -1.262  -4.068  1.00 35.84 ? 20   DT  A C7    1 
ATOM   161 C  C6    . DT  A 1 8  ? 5.810   -3.055  -3.226  1.00 41.29 ? 20   DT  A C6    1 
HETATM 162 P  P     . EDC A 1 9  ? 4.514   -9.232  -2.370  1.00 46.62 ? 21   EDC A P     1 
HETATM 163 N  N1    . EDC A 1 9  ? 3.695   -5.333  -6.447  1.00 37.38 ? 21   EDC A N1    1 
HETATM 164 C  C2    . EDC A 1 9  ? 3.692   -4.030  -6.834  1.00 38.09 ? 21   EDC A C2    1 
HETATM 165 O  O2    . EDC A 1 9  ? 2.717   -3.319  -7.037  1.00 29.83 ? 21   EDC A O2    1 
HETATM 166 N  N3    . EDC A 1 9  ? 4.967   -3.532  -7.071  1.00 41.12 ? 21   EDC A N3    1 
HETATM 167 C  C4    . EDC A 1 9  ? 6.145   -4.250  -7.072  1.00 38.90 ? 21   EDC A C4    1 
HETATM 168 N  N4    . EDC A 1 9  ? 7.165   -3.460  -7.361  1.00 48.93 ? 21   EDC A N4    1 
HETATM 169 C  C5    . EDC A 1 9  ? 6.082   -5.601  -6.635  1.00 35.31 ? 21   EDC A C5    1 
HETATM 170 C  C6    . EDC A 1 9  ? 4.872   -6.078  -6.350  1.00 31.67 ? 21   EDC A C6    1 
HETATM 171 C  C7    . EDC A 1 9  ? 6.595   -2.239  -7.648  1.00 47.77 ? 21   EDC A C7    1 
HETATM 172 C  C8    . EDC A 1 9  ? 5.260   -2.255  -7.507  1.00 49.24 ? 21   EDC A C8    1 
HETATM 173 C  "C1'" . EDC A 1 9  ? 2.388   -5.947  -6.129  1.00 40.57 ? 21   EDC A "C1'" 1 
HETATM 174 C  "C2'" . EDC A 1 9  ? 2.051   -7.182  -6.940  1.00 49.04 ? 21   EDC A "C2'" 1 
HETATM 175 C  "C3'" . EDC A 1 9  ? 1.932   -8.297  -5.940  1.00 52.67 ? 21   EDC A "C3'" 1 
HETATM 176 O  "O3'" . EDC A 1 9  ? 0.819   -9.141  -6.188  1.00 50.34 ? 21   EDC A "O3'" 1 
HETATM 177 C  "C4'" . EDC A 1 9  ? 1.748   -7.586  -4.596  1.00 46.17 ? 21   EDC A "C4'" 1 
HETATM 178 O  "O4'" . EDC A 1 9  ? 2.446   -6.339  -4.754  1.00 46.90 ? 21   EDC A "O4'" 1 
HETATM 179 C  "C5'" . EDC A 1 9  ? 2.260   -8.374  -3.418  1.00 43.15 ? 21   EDC A "C5'" 1 
HETATM 180 O  "O5'" . EDC A 1 9  ? 3.627   -8.752  -3.607  1.00 45.95 ? 21   EDC A "O5'" 1 
HETATM 181 O  OP1   . EDC A 1 9  ? 3.750   -10.289 -1.651  1.00 57.40 ? 21   EDC A OP1   1 
HETATM 182 O  OP2   . EDC A 1 9  ? 5.886   -9.500  -2.822  1.00 46.10 ? 21   EDC A OP2   1 
ATOM   183 P  P     . DG  A 1 10 ? 0.711   -10.496 -6.980  1.00 51.46 ? 22   DG  A P     1 
ATOM   184 O  OP1   . DG  A 1 10 ? -0.411  -11.279 -6.360  1.00 45.11 ? 22   DG  A OP1   1 
ATOM   185 O  OP2   . DG  A 1 10 ? 2.030   -11.161 -7.079  1.00 39.87 ? 22   DG  A OP2   1 
ATOM   186 O  "O5'" . DG  A 1 10 ? 0.260   -10.117 -8.466  1.00 50.49 ? 22   DG  A "O5'" 1 
ATOM   187 C  "C5'" . DG  A 1 10 ? -0.961  -9.441  -8.762  1.00 46.10 ? 22   DG  A "C5'" 1 
ATOM   188 C  "C4'" . DG  A 1 10 ? -0.875  -8.711  -10.075 1.00 42.25 ? 22   DG  A "C4'" 1 
ATOM   189 O  "O4'" . DG  A 1 10 ? 0.061   -7.603  -9.955  1.00 35.83 ? 22   DG  A "O4'" 1 
ATOM   190 C  "C3'" . DG  A 1 10 ? -0.375  -9.540  -11.254 1.00 38.57 ? 22   DG  A "C3'" 1 
ATOM   191 O  "O3'" . DG  A 1 10 ? -1.097  -9.234  -12.437 1.00 41.05 ? 22   DG  A "O3'" 1 
ATOM   192 C  "C2'" . DG  A 1 10 ? 1.073   -9.150  -11.374 1.00 31.98 ? 22   DG  A "C2'" 1 
ATOM   193 C  "C1'" . DG  A 1 10 ? 0.913   -7.660  -11.117 1.00 34.40 ? 22   DG  A "C1'" 1 
ATOM   194 N  N9    . DG  A 1 10 ? 2.127   -6.916  -10.809 1.00 35.03 ? 22   DG  A N9    1 
ATOM   195 C  C8    . DG  A 1 10 ? 3.289   -7.389  -10.239 1.00 40.89 ? 22   DG  A C8    1 
ATOM   196 N  N7    . DG  A 1 10 ? 4.195   -6.458  -10.095 1.00 44.92 ? 22   DG  A N7    1 
ATOM   197 C  C5    . DG  A 1 10 ? 3.583   -5.314  -10.599 1.00 33.75 ? 22   DG  A C5    1 
ATOM   198 C  C6    . DG  A 1 10 ? 4.080   -3.993  -10.705 1.00 34.48 ? 22   DG  A C6    1 
ATOM   199 O  O6    . DG  A 1 10 ? 5.211   -3.657  -10.335 1.00 37.39 ? 22   DG  A O6    1 
ATOM   200 N  N1    . DG  A 1 10 ? 3.139   -3.133  -11.274 1.00 33.11 ? 22   DG  A N1    1 
ATOM   201 C  C2    . DG  A 1 10 ? 1.885   -3.502  -11.685 1.00 25.89 ? 22   DG  A C2    1 
ATOM   202 N  N2    . DG  A 1 10 ? 1.088   -2.572  -12.213 1.00 30.13 ? 22   DG  A N2    1 
ATOM   203 N  N3    . DG  A 1 10 ? 1.403   -4.737  -11.592 1.00 38.09 ? 22   DG  A N3    1 
ATOM   204 C  C4    . DG  A 1 10 ? 2.315   -5.569  -11.042 1.00 32.21 ? 22   DG  A C4    1 
ATOM   205 P  P     . DC  A 1 11 ? -2.057  -10.244 -13.221 1.00 38.40 ? 23   DC  A P     1 
ATOM   206 O  OP1   . DC  A 1 11 ? -3.142  -10.694 -12.326 1.00 38.03 ? 23   DC  A OP1   1 
ATOM   207 O  OP2   . DC  A 1 11 ? -1.219  -11.288 -13.872 1.00 39.38 ? 23   DC  A OP2   1 
ATOM   208 O  "O5'" . DC  A 1 11 ? -2.671  -9.325  -14.371 1.00 44.38 ? 23   DC  A "O5'" 1 
ATOM   209 C  "C5'" . DC  A 1 11 ? -3.512  -8.206  -14.120 1.00 46.90 ? 23   DC  A "C5'" 1 
ATOM   210 C  "C4'" . DC  A 1 11 ? -3.154  -7.021  -14.985 1.00 45.39 ? 23   DC  A "C4'" 1 
ATOM   211 O  "O4'" . DC  A 1 11 ? -1.875  -6.487  -14.525 1.00 35.87 ? 23   DC  A "O4'" 1 
ATOM   212 C  "C3'" . DC  A 1 11 ? -2.997  -7.295  -16.476 1.00 25.49 ? 23   DC  A "C3'" 1 
ATOM   213 O  "O3'" . DC  A 1 11 ? -3.660  -6.283  -17.239 1.00 34.15 ? 23   DC  A "O3'" 1 
ATOM   214 C  "C2'" . DC  A 1 11 ? -1.496  -7.321  -16.662 1.00 25.71 ? 23   DC  A "C2'" 1 
ATOM   215 C  "C1'" . DC  A 1 11 ? -1.069  -6.242  -15.666 1.00 42.50 ? 23   DC  A "C1'" 1 
ATOM   216 N  N1    . DC  A 1 11 ? 0.335   -6.262  -15.226 1.00 33.03 ? 23   DC  A N1    1 
ATOM   217 C  C2    . DC  A 1 11 ? 0.990   -5.032  -15.153 1.00 28.23 ? 23   DC  A C2    1 
ATOM   218 O  O2    . DC  A 1 11 ? 0.367   -3.990  -15.458 1.00 26.49 ? 23   DC  A O2    1 
ATOM   219 N  N3    . DC  A 1 11 ? 2.288   -5.017  -14.749 1.00 33.55 ? 23   DC  A N3    1 
ATOM   220 C  C4    . DC  A 1 11 ? 2.889   -6.169  -14.437 1.00 34.60 ? 23   DC  A C4    1 
ATOM   221 N  N4    . DC  A 1 11 ? 4.162   -6.115  -14.046 1.00 31.85 ? 23   DC  A N4    1 
ATOM   222 C  C5    . DC  A 1 11 ? 2.235   -7.442  -14.505 1.00 30.23 ? 23   DC  A C5    1 
ATOM   223 C  C6    . DC  A 1 11 ? 0.956   -7.439  -14.906 1.00 23.82 ? 23   DC  A C6    1 
ATOM   224 P  P     . DG  A 1 12 ? -4.191  -6.702  -18.718 1.00 40.88 ? 24   DG  A P     1 
ATOM   225 O  OP1   . DG  A 1 12 ? -4.749  -5.533  -19.395 1.00 34.55 ? 24   DG  A OP1   1 
ATOM   226 O  OP2   . DG  A 1 12 ? -4.975  -7.942  -18.585 1.00 45.97 ? 24   DG  A OP2   1 
ATOM   227 O  "O5'" . DG  A 1 12 ? -2.801  -7.048  -19.454 1.00 43.98 ? 24   DG  A "O5'" 1 
ATOM   228 C  "C5'" . DG  A 1 12 ? -2.034  -5.980  -20.036 1.00 41.55 ? 24   DG  A "C5'" 1 
ATOM   229 C  "C4'" . DG  A 1 12 ? -0.985  -6.524  -20.980 1.00 26.43 ? 24   DG  A "C4'" 1 
ATOM   230 O  "O4'" . DG  A 1 12 ? -0.164  -7.487  -20.313 1.00 28.89 ? 24   DG  A "O4'" 1 
ATOM   231 C  "C3'" . DG  A 1 12 ? -1.532  -7.279  -22.193 1.00 32.03 ? 24   DG  A "C3'" 1 
ATOM   232 O  "O3'" . DG  A 1 12 ? -1.532  -6.430  -23.342 1.00 36.31 ? 24   DG  A "O3'" 1 
ATOM   233 C  "C2'" . DG  A 1 12 ? -0.620  -8.448  -22.367 1.00 36.14 ? 24   DG  A "C2'" 1 
ATOM   234 C  "C1'" . DG  A 1 12 ? -0.208  -8.760  -20.941 1.00 34.53 ? 24   DG  A "C1'" 1 
ATOM   235 N  N9    . DG  A 1 12 ? -1.143  -9.633  -20.222 1.00 32.91 ? 24   DG  A N9    1 
ATOM   236 C  C8    . DG  A 1 12 ? -2.380  -10.085 -20.606 1.00 38.12 ? 24   DG  A C8    1 
ATOM   237 N  N7    . DG  A 1 12 ? -2.940  -10.851 -19.714 1.00 38.86 ? 24   DG  A N7    1 
ATOM   238 C  C5    . DG  A 1 12 ? -2.024  -10.913 -18.678 1.00 36.82 ? 24   DG  A C5    1 
ATOM   239 C  C6    . DG  A 1 12 ? -2.073  -11.594 -17.434 1.00 43.60 ? 24   DG  A C6    1 
ATOM   240 O  O6    . DG  A 1 12 ? -2.957  -12.314 -16.956 1.00 49.70 ? 24   DG  A O6    1 
ATOM   241 N  N1    . DG  A 1 12 ? -0.921  -11.378 -16.688 1.00 40.32 ? 24   DG  A N1    1 
ATOM   242 C  C2    . DG  A 1 12 ? 0.147   -10.612 -17.070 1.00 40.49 ? 24   DG  A C2    1 
ATOM   243 N  N2    . DG  A 1 12 ? 1.148   -10.550 -16.183 1.00 41.72 ? 24   DG  A N2    1 
ATOM   244 N  N3    . DG  A 1 12 ? 0.208   -9.967  -18.233 1.00 44.03 ? 24   DG  A N3    1 
ATOM   245 C  C4    . DG  A 1 12 ? -0.908  -10.168 -18.972 1.00 33.16 ? 24   DG  A C4    1 
HETATM 246 NA NA    . NA  B 2 .  ? -18.628 1.600   13.015  0.50 19.68 ? 1101 NA  A NA    1 
HETATM 247 O  O     . HOH C 3 .  ? 0.457   -4.892  -2.239  1.00 32.81 ? 1001 HOH A O     1 
HETATM 248 O  O     . HOH C 3 .  ? 3.414   -4.048  1.368   0.50 29.06 ? 1002 HOH A O     1 
HETATM 249 O  O     . HOH C 3 .  ? 7.382   5.373   7.909   1.00 51.02 ? 1003 HOH A O     1 
HETATM 250 O  O     . HOH C 3 .  ? 4.894   13.979  4.310   1.00 46.44 ? 1004 HOH A O     1 
HETATM 251 O  O     . HOH C 3 .  ? 7.011   -5.113  4.296   1.00 50.72 ? 1005 HOH A O     1 
HETATM 252 O  O     . HOH C 3 .  ? -11.912 9.407   13.949  1.00 61.99 ? 1006 HOH A O     1 
HETATM 253 O  O     . HOH C 3 .  ? -1.740  -4.815  -6.152  1.00 38.24 ? 1007 HOH A O     1 
HETATM 254 O  O     . HOH C 3 .  ? 4.761   -9.143  -13.049 1.00 48.47 ? 1008 HOH A O     1 
HETATM 255 O  O     . HOH C 3 .  ? 7.011   -7.035  -9.267  1.00 57.06 ? 1009 HOH A O     1 
HETATM 256 O  O     . HOH C 3 .  ? 1.214   -12.471 -13.634 1.00 46.07 ? 1010 HOH A O     1 
HETATM 257 O  O     . HOH C 3 .  ? 5.276   -3.703  2.962   1.00 45.67 ? 1011 HOH A O     1 
HETATM 258 O  O     . HOH C 3 .  ? -0.065  5.576   -0.489  1.00 51.82 ? 1012 HOH A O     1 
HETATM 259 O  O     . HOH C 3 .  ? -0.778  6.995   2.092   1.00 65.32 ? 1013 HOH A O     1 
HETATM 260 O  O     . HOH C 3 .  ? -1.656  -15.145 -16.243 1.00 49.78 ? 1014 HOH A O     1 
HETATM 261 O  O     . HOH C 3 .  ? -6.505  -0.476  16.236  1.00 59.63 ? 1015 HOH A O     1 
HETATM 262 O  O     . HOH C 3 .  ? -2.874  -14.544 -12.797 1.00 53.13 ? 1016 HOH A O     1 
HETATM 263 O  O     . HOH C 3 .  ? 11.307  -1.639  -4.859  0.50 43.32 ? 1017 HOH A O     1 
HETATM 264 O  O     . HOH C 3 .  ? 2.236   14.149  5.619   1.00 62.74 ? 1018 HOH A O     1 
HETATM 265 O  O     . HOH C 3 .  ? -11.648 5.543   21.489  0.50 46.13 ? 1019 HOH A O     1 
HETATM 266 O  O     . HOH C 3 .  ? -6.079  -8.876  -20.887 0.50 42.10 ? 1020 HOH A O     1 
HETATM 267 O  O     . HOH C 3 .  ? 9.749   3.800   7.513   1.00 57.75 ? 1021 HOH A O     1 
HETATM 268 O  O     . HOH C 3 .  ? -5.928  -10.925 -17.796 0.50 39.65 ? 1022 HOH A O     1 
HETATM 269 O  O     . HOH C 3 .  ? -1.650  -6.116  -3.551  1.00 44.41 ? 1023 HOH A O     1 
HETATM 270 O  O     . HOH C 3 .  ? -5.266  2.216   16.638  1.00 50.62 ? 1024 HOH A O     1 
HETATM 271 O  O     . HOH C 3 .  ? 9.543   1.425   -1.486  1.00 52.50 ? 1025 HOH A O     1 
HETATM 272 O  O     . HOH C 3 .  ? 3.126   12.937  8.208   1.00 52.65 ? 1026 HOH A O     1 
HETATM 273 O  O     . HOH C 3 .  ? 3.320   4.672   -3.838  1.00 59.09 ? 1027 HOH A O     1 
HETATM 274 O  O     . HOH C 3 .  ? -1.469  -4.917  -12.025 1.00 39.83 ? 1028 HOH A O     1 
HETATM 275 O  O     . HOH C 3 .  ? -4.720  2.715   6.607   1.00 49.10 ? 1029 HOH A O     1 
HETATM 276 O  O     . HOH C 3 .  ? -5.361  4.878   5.543   1.00 50.68 ? 1030 HOH A O     1 
HETATM 277 O  O     . HOH C 3 .  ? 4.591   6.976   -2.957  1.00 52.06 ? 1031 HOH A O     1 
HETATM 278 O  O     . HOH C 3 .  ? -7.137  6.828   6.414   1.00 57.79 ? 1032 HOH A O     1 
HETATM 279 O  O     . HOH C 3 .  ? -10.526 -14.821 -5.085  1.00 47.14 ? 1033 HOH A O     1 
HETATM 280 O  O     . HOH C 3 .  ? -4.087  17.918  10.313  0.50 48.03 ? 1034 HOH A O     1 
HETATM 281 O  O     . HOH C 3 .  ? -8.861  6.489   7.948   1.00 47.22 ? 1035 HOH A O     1 
HETATM 282 O  O     . HOH C 3 .  ? 4.455   3.153   9.086   1.00 40.90 ? 1036 HOH A O     1 
HETATM 283 O  O     . HOH C 3 .  ? 7.607   -4.731  -10.258 1.00 51.08 ? 1037 HOH A O     1 
HETATM 284 O  O     . HOH C 3 .  ? 1.732   -12.637 -3.208  1.00 54.35 ? 1038 HOH A O     1 
HETATM 285 O  O     . HOH C 3 .  ? -16.276 4.921   10.517  1.00 58.56 ? 1039 HOH A O     1 
HETATM 286 O  O     . HOH C 3 .  ? 9.056   -4.506  -3.905  1.00 44.85 ? 1040 HOH A O     1 
HETATM 287 O  O     . HOH C 3 .  ? 5.061   5.364   9.327   0.50 42.23 ? 1041 HOH A O     1 
HETATM 288 O  O     . HOH C 3 .  ? -15.824 5.475   12.625  0.25 54.95 ? 1042 HOH A O     1 
HETATM 289 O  O     . HOH C 3 .  ? 10.182  -2.828  5.808   0.50 52.44 ? 1043 HOH A O     1 
HETATM 290 O  O     . HOH C 3 .  ? -4.362  12.778  8.971   0.50 38.66 ? 1044 HOH A O     1 
HETATM 291 O  O     . HOH C 3 .  ? 4.219   6.428   8.534   0.50 25.51 ? 1045 HOH A O     1 
HETATM 292 O  O     . HOH C 3 .  ? 4.312   -11.013 -9.628  0.50 34.23 ? 1046 HOH A O     1 
HETATM 293 O  O     . HOH C 3 .  ? 5.762   14.881  10.595  0.50 40.63 ? 1047 HOH A O     1 
HETATM 294 O  O     . HOH C 3 .  ? 14.041  8.320   5.065   0.50 41.59 ? 1048 HOH A O     1 
HETATM 295 O  O     . HOH C 3 .  ? 14.590  10.255  6.166   1.00 59.60 ? 1049 HOH A O     1 
HETATM 296 O  O     . HOH C 3 .  ? -3.189  1.252   16.434  0.50 41.47 ? 1050 HOH A O     1 
HETATM 297 O  O     . HOH C 3 .  ? 3.203   8.841   -0.051  0.50 38.12 ? 1051 HOH A O     1 
HETATM 298 O  O     . HOH C 3 .  ? -3.659  -6.182  -10.498 1.00 39.32 ? 1052 HOH A O     1 
HETATM 299 O  O     . HOH C 3 .  ? -5.547  0.541   8.170   1.00 70.02 ? 1053 HOH A O     1 
HETATM 300 O  O     . HOH C 3 .  ? -11.018 6.486   18.344  0.50 67.20 ? 1054 HOH A O     1 
HETATM 301 O  O     . HOH C 3 .  ? 2.347   -14.450 0.794   1.00 57.55 ? 1055 HOH A O     1 
HETATM 302 O  O     . HOH C 3 .  ? 5.408   -8.518  2.945   0.50 64.97 ? 1056 HOH A O     1 
HETATM 303 O  O     . HOH C 3 .  ? -6.423  5.652   2.919   1.00 75.19 ? 1057 HOH A O     1 
HETATM 304 O  O     . HOH C 3 .  ? -8.896  2.427   4.501   1.00 67.61 ? 1058 HOH A O     1 
HETATM 305 O  O     . HOH C 3 .  ? 9.037   7.655   7.180   0.50 49.57 ? 1059 HOH A O     1 
HETATM 306 O  O     . HOH C 3 .  ? -8.998  -9.216  -20.119 0.50 44.72 ? 1060 HOH A O     1 
HETATM 307 O  O     . HOH C 3 .  ? 9.573   -5.730  3.534   1.00 62.08 ? 1061 HOH A O     1 
HETATM 308 O  O     . HOH C 3 .  ? -12.243 -0.796  9.457   1.00 47.31 ? 1062 HOH A O     1 
HETATM 309 O  O     . HOH C 3 .  ? -0.654  -13.441 2.197   0.50 78.82 ? 1063 HOH A O     1 
HETATM 310 O  O     . HOH C 3 .  ? -2.337  -15.348 3.587   0.50 52.97 ? 1064 HOH A O     1 
HETATM 311 O  O     . HOH C 3 .  ? 2.954   -7.059  34.452  0.50 49.22 ? 1065 HOH A O     1 
HETATM 312 O  O     . HOH C 3 .  ? -2.235  -11.752 -7.760  1.00 53.86 ? 1066 HOH A O     1 
HETATM 313 O  O     . HOH C 3 .  ? -3.240  -12.214 -10.606 0.50 56.50 ? 1067 HOH A O     1 
HETATM 314 O  O     . HOH C 3 .  ? 11.537  6.717   6.050   0.50 55.50 ? 1068 HOH A O     1 
HETATM 315 O  O     . HOH C 3 .  ? 3.723   13.052  1.709   0.50 84.41 ? 1069 HOH A O     1 
HETATM 316 O  O     . HOH C 3 .  ? 7.988   -6.544  -11.177 0.50 53.39 ? 1070 HOH A O     1 
HETATM 317 O  O     . HOH C 3 .  ? -5.043  -12.916 -13.950 1.00 58.65 ? 1071 HOH A O     1 
HETATM 318 O  O     . HOH C 3 .  ? -7.019  13.531  7.022   0.50 47.07 ? 1072 HOH A O     1 
HETATM 319 O  O     . HOH C 3 .  ? -8.988  2.502   11.906  0.50 56.85 ? 1073 HOH A O     1 
# 
loop_
_atom_site_anisotrop.id 
_atom_site_anisotrop.type_symbol 
_atom_site_anisotrop.pdbx_label_atom_id 
_atom_site_anisotrop.pdbx_label_alt_id 
_atom_site_anisotrop.pdbx_label_comp_id 
_atom_site_anisotrop.pdbx_label_asym_id 
_atom_site_anisotrop.pdbx_label_seq_id 
_atom_site_anisotrop.pdbx_PDB_ins_code 
_atom_site_anisotrop.U[1][1] 
_atom_site_anisotrop.U[2][2] 
_atom_site_anisotrop.U[3][3] 
_atom_site_anisotrop.U[1][2] 
_atom_site_anisotrop.U[1][3] 
_atom_site_anisotrop.U[2][3] 
_atom_site_anisotrop.pdbx_auth_seq_id 
_atom_site_anisotrop.pdbx_auth_comp_id 
_atom_site_anisotrop.pdbx_auth_asym_id 
_atom_site_anisotrop.pdbx_auth_atom_id 
17  P P . DG  A 2  ? 0.5393 0.6721 0.8301 -0.0316 0.1250  -0.1738 14 DG  A P 
39  P P . DC  A 3  ? 0.5645 0.5721 0.7234 0.1115  0.1158  -0.1543 15 DC  A P 
58  P P . DG  A 4  ? 0.6327 0.5582 0.6182 0.0660  0.2664  0.0561  16 DG  A P 
80  P P . DA  A 5  ? 0.5635 0.6991 0.7101 -0.0205 0.2658  -0.0921 17 DA  A P 
101 P P . DA  A 6  ? 0.6590 0.7042 0.8256 0.0481  0.2908  -0.1032 18 DA  A P 
122 P P . DT  A 7  ? 0.5994 0.6112 0.5771 0.1201  0.1953  -0.2433 19 DT  A P 
142 P P . DT  A 8  ? 0.6990 0.6044 0.6086 0.1208  0.0932  -0.2768 20 DT  A P 
162 P P . EDC A 9  ? 0.6426 0.5667 0.5620 0.0620  -0.0250 -0.2673 21 EDC A P 
183 P P . DG  A 10 ? 0.6280 0.5966 0.7305 0.0411  0.0347  -0.1764 22 DG  A P 
205 P P . DC  A 11 ? 0.3871 0.5305 0.5413 -0.0711 0.0830  -0.1222 23 DC  A P 
224 P P . DG  A 12 ? 0.4993 0.5705 0.4835 0.0740  0.0442  -0.1346 24 DG  A P 
# 
